data_9IX7
#
_entry.id   9IX7
#
_cell.length_a   56.614
_cell.length_b   66.278
_cell.length_c   268.953
_cell.angle_alpha   90.000
_cell.angle_beta   90.000
_cell.angle_gamma   90.000
#
_symmetry.space_group_name_H-M   'P 21 21 21'
#
loop_
_entity.id
_entity.type
_entity.pdbx_description
1 polymer 'dihydroxy-acid dehydratase'
2 non-polymer DI(HYDROXYETHYL)ETHER
3 non-polymer 1,2-ETHANEDIOL
4 water water
#
_entity_poly.entity_id   1
_entity_poly.type   'polypeptide(L)'
_entity_poly.pdbx_seq_one_letter_code
;GSEFSSKITQPKSQGASQAMLYATGLTEEDMSKPQVGISSVWFEGNPCNMHLHDLSAIVRDSVHRAGLVPMRFNSVGVSD
GISMGTKGMRYSLQSRELIADGIETVMNAQWYDANVSLPGCDKNMPGVLMAMGRTNRPSIMVYGGSIKPGCSAKGQKLDL
VSAFQSYGQFITGQIDEKERFDIIRNACPGRGACGGMYTANTLATAIETMGMTVPGSSSCPADDPKKLVECENIGEVVKT
MLREDIKPRDVLTRQAFENAMIVVNILGGSTNAVLHLIAIADSVGIKLTIDDFQAVSDKTPFLADLKPSGKYLMNDLYNI
GGTPALLKYLLKEGLIDGSGITVTGKTMKENVASWPDFPSDQDIIRPLSNPIKPSGHLQILRGSLAPGGSVGKITGKEGL
RFEGTAKCYDYEDAFIESLERGEIKKGEKTVVIIRYEGPKGGPGMPEMLKPSAAIMGAGLGQDVALLTDGRFSGGSHGFL
IGHIVPEAMEGGPIALARDGDRIVIDAEERVVDLEIPTEELEKRRKEWKAPPLRYQKGTLKKYCTLVSDASHGCVTDGPI
;
_entity_poly.pdbx_strand_id   A,B
#
loop_
_chem_comp.id
_chem_comp.type
_chem_comp.name
_chem_comp.formula
EDO non-polymer 1,2-ETHANEDIOL 'C2 H6 O2'
PEG non-polymer DI(HYDROXYETHYL)ETHER 'C4 H10 O3'
#
# COMPACT_ATOMS: atom_id res chain seq x y z
N MET A 31 -27.93 -5.66 8.89
CA MET A 31 -28.91 -6.53 8.25
C MET A 31 -28.75 -6.55 6.73
N SER A 32 -29.68 -5.88 6.05
CA SER A 32 -29.62 -5.63 4.62
C SER A 32 -29.44 -4.15 4.30
N LYS A 33 -29.02 -3.36 5.29
CA LYS A 33 -28.76 -1.95 5.08
C LYS A 33 -27.44 -1.76 4.35
N PRO A 34 -27.30 -0.67 3.59
CA PRO A 34 -26.00 -0.38 2.96
C PRO A 34 -24.92 -0.18 4.01
N GLN A 35 -23.72 -0.63 3.68
CA GLN A 35 -22.56 -0.49 4.56
C GLN A 35 -21.69 0.65 4.06
N VAL A 36 -21.33 1.57 4.95
CA VAL A 36 -20.62 2.79 4.59
C VAL A 36 -19.26 2.74 5.26
N GLY A 37 -18.22 2.54 4.46
CA GLY A 37 -16.87 2.61 4.99
C GLY A 37 -16.49 4.03 5.34
N ILE A 38 -15.95 4.21 6.54
CA ILE A 38 -15.53 5.51 7.04
C ILE A 38 -14.00 5.45 7.17
N SER A 39 -13.31 5.98 6.16
CA SER A 39 -11.86 5.83 6.04
C SER A 39 -11.18 7.08 6.60
N SER A 40 -10.45 6.91 7.69
CA SER A 40 -9.66 7.97 8.29
C SER A 40 -8.17 7.73 8.05
N VAL A 41 -7.43 8.82 8.00
CA VAL A 41 -5.97 8.80 7.94
C VAL A 41 -5.50 9.54 9.19
N TRP A 42 -5.26 8.80 10.26
CA TRP A 42 -5.07 9.37 11.58
C TRP A 42 -3.70 9.02 12.14
N PHE A 43 -3.15 9.95 12.92
CA PHE A 43 -1.89 9.77 13.62
C PHE A 43 -2.04 10.44 14.98
N GLU A 44 -1.88 9.67 16.05
CA GLU A 44 -2.03 10.23 17.39
C GLU A 44 -0.84 11.11 17.75
N LEU A 52 -10.20 19.90 19.44
CA LEU A 52 -10.05 18.56 18.89
C LEU A 52 -11.23 17.67 19.26
N HIS A 53 -12.03 17.31 18.25
CA HIS A 53 -13.01 16.24 18.35
C HIS A 53 -12.61 15.08 17.44
N ASP A 54 -13.30 13.96 17.64
CA ASP A 54 -13.18 12.80 16.77
C ASP A 54 -14.28 12.92 15.72
N LEU A 55 -13.94 13.47 14.56
CA LEU A 55 -14.92 13.62 13.49
C LEU A 55 -15.42 12.27 13.00
N SER A 56 -14.56 11.25 13.03
CA SER A 56 -14.96 9.93 12.55
C SER A 56 -16.06 9.32 13.41
N ALA A 57 -16.01 9.55 14.72
CA ALA A 57 -17.05 9.02 15.60
C ALA A 57 -18.39 9.71 15.34
N ILE A 58 -18.35 11.01 15.06
CA ILE A 58 -19.57 11.74 14.72
C ILE A 58 -20.14 11.25 13.40
N VAL A 59 -19.28 10.98 12.41
CA VAL A 59 -19.73 10.44 11.14
C VAL A 59 -20.40 9.09 11.33
N ARG A 60 -19.80 8.24 12.17
CA ARG A 60 -20.37 6.92 12.44
C ARG A 60 -21.78 7.02 13.01
N ASP A 61 -21.97 7.86 14.02
CA ASP A 61 -23.29 7.99 14.63
C ASP A 61 -24.30 8.58 13.65
N SER A 62 -23.87 9.47 12.76
CA SER A 62 -24.78 10.03 11.78
C SER A 62 -25.16 9.00 10.71
N VAL A 63 -24.19 8.20 10.27
CA VAL A 63 -24.47 7.15 9.29
C VAL A 63 -25.45 6.13 9.87
N HIS A 64 -25.25 5.77 11.14
CA HIS A 64 -26.17 4.84 11.80
C HIS A 64 -27.57 5.45 11.93
N ARG A 65 -27.64 6.74 12.29
CA ARG A 65 -28.93 7.39 12.46
C ARG A 65 -29.69 7.50 11.14
N ALA A 66 -28.98 7.53 10.02
CA ALA A 66 -29.61 7.60 8.70
C ALA A 66 -30.09 6.25 8.19
N GLY A 67 -29.96 5.19 8.98
CA GLY A 67 -30.39 3.88 8.56
C GLY A 67 -29.34 3.07 7.82
N LEU A 68 -28.08 3.47 7.91
CA LEU A 68 -26.97 2.77 7.27
C LEU A 68 -26.06 2.17 8.33
N VAL A 69 -25.17 1.29 7.88
CA VAL A 69 -24.26 0.56 8.76
C VAL A 69 -22.89 1.20 8.66
N PRO A 70 -22.39 1.88 9.70
CA PRO A 70 -21.07 2.50 9.62
C PRO A 70 -19.96 1.51 9.87
N MET A 71 -18.87 1.64 9.10
CA MET A 71 -17.70 0.76 9.20
C MET A 71 -16.45 1.65 9.14
N ARG A 72 -15.97 2.04 10.32
CA ARG A 72 -14.77 2.87 10.40
C ARG A 72 -13.52 2.03 10.19
N PHE A 73 -12.60 2.55 9.37
CA PHE A 73 -11.27 1.96 9.29
C PHE A 73 -10.25 3.07 9.06
N ASN A 74 -8.99 2.75 9.34
CA ASN A 74 -7.92 3.73 9.36
C ASN A 74 -6.83 3.35 8.38
N SER A 75 -6.15 4.37 7.87
CA SER A 75 -5.10 4.20 6.87
C SER A 75 -3.84 4.93 7.32
N VAL A 76 -2.69 4.39 6.88
CA VAL A 76 -1.41 5.09 7.05
C VAL A 76 -1.43 6.32 6.15
N GLY A 77 -0.47 7.22 6.36
CA GLY A 77 -0.41 8.40 5.54
C GLY A 77 0.87 9.17 5.77
N VAL A 78 0.87 10.41 5.27
CA VAL A 78 2.06 11.26 5.39
C VAL A 78 2.12 11.95 6.75
N SER A 79 0.97 12.28 7.34
CA SER A 79 0.91 12.96 8.63
C SER A 79 1.59 14.32 8.55
N LYS A 87 15.07 12.77 3.64
CA LYS A 87 15.11 11.34 3.86
C LYS A 87 13.70 10.87 4.22
N GLY A 88 13.07 11.60 5.14
CA GLY A 88 11.66 11.40 5.39
C GLY A 88 10.80 11.87 4.23
N MET A 89 11.30 12.86 3.48
CA MET A 89 10.60 13.36 2.31
C MET A 89 10.51 12.31 1.20
N ARG A 90 11.40 11.32 1.21
CA ARG A 90 11.41 10.30 0.17
C ARG A 90 10.24 9.34 0.28
N TYR A 91 9.50 9.35 1.38
CA TYR A 91 8.34 8.49 1.56
C TYR A 91 7.02 9.24 1.38
N SER A 92 7.07 10.55 1.12
CA SER A 92 5.86 11.36 1.13
C SER A 92 4.99 11.07 -0.09
N LEU A 93 5.56 11.18 -1.30
CA LEU A 93 4.77 11.01 -2.51
C LEU A 93 4.25 9.57 -2.62
N GLN A 94 5.07 8.58 -2.27
CA GLN A 94 4.64 7.20 -2.37
C GLN A 94 3.62 6.83 -1.30
N SER A 95 3.50 7.63 -0.24
CA SER A 95 2.44 7.42 0.73
C SER A 95 1.07 7.67 0.12
N ARG A 96 0.99 8.60 -0.85
CA ARG A 96 -0.27 8.81 -1.57
C ARG A 96 -0.74 7.52 -2.24
N GLU A 97 0.20 6.73 -2.77
CA GLU A 97 -0.16 5.46 -3.37
C GLU A 97 -0.60 4.46 -2.31
N LEU A 98 0.04 4.48 -1.13
CA LEU A 98 -0.35 3.59 -0.06
C LEU A 98 -1.76 3.89 0.41
N ILE A 99 -2.14 5.18 0.43
CA ILE A 99 -3.50 5.55 0.83
C ILE A 99 -4.50 5.05 -0.21
N ALA A 100 -4.23 5.32 -1.49
CA ALA A 100 -5.13 4.88 -2.55
C ALA A 100 -5.25 3.37 -2.59
N ASP A 101 -4.13 2.66 -2.46
CA ASP A 101 -4.17 1.20 -2.50
C ASP A 101 -4.88 0.64 -1.27
N GLY A 102 -4.55 1.15 -0.09
CA GLY A 102 -5.13 0.62 1.13
C GLY A 102 -6.64 0.80 1.20
N ILE A 103 -7.11 2.00 0.88
CA ILE A 103 -8.55 2.27 0.97
C ILE A 103 -9.30 1.51 -0.11
N GLU A 104 -8.75 1.44 -1.32
CA GLU A 104 -9.36 0.63 -2.37
C GLU A 104 -9.48 -0.83 -1.92
N THR A 105 -8.42 -1.36 -1.28
CA THR A 105 -8.42 -2.75 -0.85
C THR A 105 -9.55 -3.03 0.13
N VAL A 106 -9.67 -2.19 1.16
CA VAL A 106 -10.70 -2.42 2.18
C VAL A 106 -12.09 -2.23 1.60
N MET A 107 -12.27 -1.17 0.79
CA MET A 107 -13.57 -0.91 0.19
C MET A 107 -14.05 -2.08 -0.67
N ASN A 108 -13.12 -2.75 -1.35
CA ASN A 108 -13.50 -3.84 -2.25
C ASN A 108 -13.51 -5.20 -1.57
N ALA A 109 -12.58 -5.46 -0.66
CA ALA A 109 -12.56 -6.75 0.03
C ALA A 109 -13.83 -6.94 0.85
N GLN A 110 -14.22 -5.92 1.62
CA GLN A 110 -15.45 -5.95 2.39
C GLN A 110 -16.67 -5.54 1.58
N TRP A 111 -16.45 -5.04 0.36
CA TRP A 111 -17.50 -4.49 -0.51
C TRP A 111 -18.47 -3.60 0.25
N TYR A 112 -17.93 -2.49 0.76
CA TYR A 112 -18.78 -1.45 1.33
C TYR A 112 -19.51 -0.72 0.20
N ASP A 113 -20.77 -0.35 0.47
CA ASP A 113 -21.60 0.28 -0.55
C ASP A 113 -21.26 1.75 -0.78
N ALA A 114 -20.64 2.41 0.20
CA ALA A 114 -20.32 3.82 0.09
C ALA A 114 -19.11 4.12 0.95
N ASN A 115 -18.58 5.33 0.80
CA ASN A 115 -17.37 5.73 1.50
C ASN A 115 -17.50 7.15 2.01
N VAL A 116 -17.10 7.36 3.26
CA VAL A 116 -16.83 8.69 3.80
C VAL A 116 -15.36 8.71 4.20
N SER A 117 -14.62 9.69 3.69
CA SER A 117 -13.18 9.74 3.90
C SER A 117 -12.82 11.01 4.68
N LEU A 118 -12.08 10.82 5.76
CA LEU A 118 -11.52 11.92 6.57
C LEU A 118 -10.01 11.90 6.41
N PRO A 119 -9.46 12.59 5.42
CA PRO A 119 -8.01 12.55 5.21
C PRO A 119 -7.22 13.20 6.34
N GLY A 120 -7.84 14.08 7.12
CA GLY A 120 -7.13 14.77 8.17
C GLY A 120 -6.18 15.82 7.64
N CYS A 121 -4.90 15.47 7.54
CA CYS A 121 -3.91 16.41 7.02
C CYS A 121 -4.14 16.64 5.53
N ASP A 122 -3.88 17.88 5.08
CA ASP A 122 -4.11 18.24 3.69
C ASP A 122 -3.39 17.31 2.72
N LYS A 123 -2.22 16.79 3.11
CA LYS A 123 -1.41 15.98 2.22
C LYS A 123 -1.98 14.57 2.02
N ASN A 124 -2.99 14.16 2.79
CA ASN A 124 -3.63 12.87 2.62
C ASN A 124 -4.82 12.90 1.67
N MET A 125 -5.20 14.07 1.19
CA MET A 125 -6.38 14.25 0.34
C MET A 125 -6.23 13.60 -1.03
N PRO A 126 -5.10 13.76 -1.74
CA PRO A 126 -5.03 13.18 -3.09
C PRO A 126 -5.20 11.68 -3.14
N GLY A 127 -4.48 10.94 -2.29
CA GLY A 127 -4.64 9.49 -2.27
C GLY A 127 -6.04 9.07 -1.87
N VAL A 128 -6.70 9.87 -1.05
CA VAL A 128 -8.08 9.59 -0.66
C VAL A 128 -9.01 9.70 -1.86
N LEU A 129 -8.80 10.72 -2.71
CA LEU A 129 -9.65 10.89 -3.88
C LEU A 129 -9.36 9.84 -4.95
N MET A 130 -8.11 9.38 -5.04
CA MET A 130 -7.77 8.34 -6.00
C MET A 130 -8.48 7.03 -5.67
N ALA A 131 -8.55 6.69 -4.37
CA ALA A 131 -9.27 5.49 -3.96
C ALA A 131 -10.75 5.58 -4.32
N MET A 132 -11.34 6.77 -4.20
CA MET A 132 -12.73 6.95 -4.60
C MET A 132 -12.92 6.69 -6.09
N GLY A 133 -11.97 7.15 -6.91
CA GLY A 133 -12.07 6.95 -8.34
C GLY A 133 -11.95 5.50 -8.75
N ARG A 134 -11.25 4.69 -7.95
CA ARG A 134 -11.05 3.28 -8.29
C ARG A 134 -12.30 2.46 -7.98
N THR A 135 -12.84 2.61 -6.77
CA THR A 135 -14.07 1.90 -6.43
C THR A 135 -15.25 2.42 -7.26
N ASN A 136 -15.28 3.72 -7.53
CA ASN A 136 -16.39 4.39 -8.20
C ASN A 136 -17.74 4.07 -7.55
N ARG A 137 -17.72 3.89 -6.26
CA ARG A 137 -18.95 3.83 -5.50
C ARG A 137 -19.17 5.14 -4.76
N PRO A 138 -20.45 5.50 -4.50
CA PRO A 138 -20.73 6.82 -3.90
C PRO A 138 -19.85 7.16 -2.70
N SER A 139 -19.10 8.25 -2.80
CA SER A 139 -18.15 8.63 -1.78
C SER A 139 -18.17 10.14 -1.61
N ILE A 140 -17.70 10.59 -0.45
CA ILE A 140 -17.66 12.00 -0.11
C ILE A 140 -16.47 12.23 0.80
N MET A 141 -15.79 13.36 0.62
CA MET A 141 -14.69 13.76 1.48
C MET A 141 -15.19 14.81 2.47
N VAL A 142 -14.82 14.64 3.73
CA VAL A 142 -15.06 15.64 4.77
C VAL A 142 -13.71 16.24 5.12
N TYR A 143 -13.50 17.49 4.75
CA TYR A 143 -12.26 18.17 5.08
C TYR A 143 -12.14 18.39 6.59
N GLY A 144 -10.93 18.23 7.10
CA GLY A 144 -10.72 18.41 8.53
C GLY A 144 -11.05 19.82 9.01
N GLY A 145 -10.83 20.82 8.16
CA GLY A 145 -11.10 22.19 8.51
C GLY A 145 -9.86 23.07 8.47
N SER A 146 -10.06 24.38 8.27
CA SER A 146 -8.94 25.29 8.26
C SER A 146 -8.25 25.32 9.62
N ILE A 147 -6.93 25.46 9.61
CA ILE A 147 -6.15 25.44 10.83
C ILE A 147 -5.27 26.68 10.92
N ALA A 200 0.28 28.36 1.37
CA ALA A 200 -1.00 28.55 0.71
C ALA A 200 -1.47 27.26 0.04
N ASN A 201 -2.25 26.46 0.78
CA ASN A 201 -2.74 25.18 0.29
C ASN A 201 -4.11 25.37 -0.35
N THR A 202 -4.18 25.12 -1.65
CA THR A 202 -5.40 25.36 -2.42
C THR A 202 -6.17 24.10 -2.77
N LEU A 203 -5.65 22.91 -2.46
CA LEU A 203 -6.24 21.69 -3.01
C LEU A 203 -7.57 21.37 -2.36
N ALA A 204 -7.74 21.66 -1.06
CA ALA A 204 -9.02 21.42 -0.42
C ALA A 204 -10.12 22.28 -1.03
N THR A 205 -9.80 23.54 -1.35
CA THR A 205 -10.75 24.39 -2.04
C THR A 205 -11.07 23.84 -3.43
N ALA A 206 -10.06 23.29 -4.11
CA ALA A 206 -10.29 22.71 -5.43
C ALA A 206 -11.13 21.45 -5.35
N ILE A 207 -11.01 20.68 -4.27
CA ILE A 207 -11.81 19.46 -4.15
C ILE A 207 -13.27 19.79 -3.86
N GLU A 208 -13.52 20.78 -3.00
CA GLU A 208 -14.89 21.27 -2.85
C GLU A 208 -15.41 21.85 -4.17
N THR A 209 -14.54 22.57 -4.89
CA THR A 209 -14.93 23.09 -6.20
C THR A 209 -15.39 21.97 -7.12
N MET A 210 -14.68 20.85 -7.13
CA MET A 210 -15.09 19.73 -7.97
C MET A 210 -16.36 19.04 -7.48
N GLY A 211 -16.81 19.34 -6.26
CA GLY A 211 -18.07 18.82 -5.79
C GLY A 211 -18.00 17.54 -4.98
N MET A 212 -16.83 17.19 -4.45
CA MET A 212 -16.69 15.98 -3.64
C MET A 212 -16.88 16.24 -2.15
N THR A 213 -17.45 17.39 -1.79
CA THR A 213 -17.64 17.80 -0.40
C THR A 213 -18.91 18.62 -0.32
N VAL A 214 -19.49 18.67 0.87
CA VAL A 214 -20.65 19.54 1.10
C VAL A 214 -20.17 20.98 1.06
N PRO A 215 -21.05 21.94 0.76
CA PRO A 215 -20.62 23.34 0.69
C PRO A 215 -20.03 23.81 2.03
N GLY A 216 -18.88 24.48 1.94
CA GLY A 216 -18.24 25.06 3.10
C GLY A 216 -17.24 24.15 3.80
N SER A 217 -17.28 22.84 3.52
CA SER A 217 -16.35 21.89 4.13
C SER A 217 -14.90 22.36 4.10
N SER A 218 -14.43 22.82 2.94
CA SER A 218 -13.01 23.12 2.77
C SER A 218 -12.61 24.44 3.41
N SER A 219 -13.55 25.34 3.68
CA SER A 219 -13.22 26.64 4.25
C SER A 219 -13.70 26.79 5.69
N CYS A 220 -14.52 25.88 6.19
CA CYS A 220 -14.96 25.97 7.57
C CYS A 220 -13.79 25.61 8.49
N PRO A 221 -13.50 26.41 9.51
CA PRO A 221 -12.34 26.12 10.34
C PRO A 221 -12.55 24.88 11.20
N ALA A 222 -11.44 24.22 11.53
CA ALA A 222 -11.50 22.99 12.31
C ALA A 222 -12.11 23.22 13.69
N ASP A 223 -11.90 24.40 14.28
CA ASP A 223 -12.46 24.71 15.59
C ASP A 223 -13.99 24.65 15.56
N ASP A 224 -14.58 25.07 14.45
CA ASP A 224 -15.95 25.54 14.45
C ASP A 224 -16.93 24.41 14.77
N PRO A 225 -17.96 24.69 15.58
CA PRO A 225 -19.04 23.71 15.75
C PRO A 225 -19.74 23.37 14.45
N LYS A 226 -19.65 24.22 13.43
CA LYS A 226 -20.24 23.90 12.14
C LYS A 226 -19.55 22.74 11.45
N LYS A 227 -18.27 22.48 11.77
CA LYS A 227 -17.62 21.28 11.29
C LYS A 227 -18.20 20.04 11.94
N LEU A 228 -18.53 20.14 13.23
CA LEU A 228 -19.19 19.04 13.92
C LEU A 228 -20.56 18.76 13.31
N VAL A 229 -21.32 19.82 13.03
CA VAL A 229 -22.67 19.65 12.49
C VAL A 229 -22.63 19.11 11.07
N GLU A 230 -21.59 19.46 10.31
CA GLU A 230 -21.43 18.88 8.98
C GLU A 230 -21.34 17.35 9.06
N CYS A 231 -20.54 16.84 10.00
CA CYS A 231 -20.42 15.39 10.15
C CYS A 231 -21.68 14.80 10.78
N GLU A 232 -22.40 15.58 11.58
CA GLU A 232 -23.66 15.11 12.16
C GLU A 232 -24.73 14.90 11.09
N ASN A 233 -24.60 15.53 9.93
CA ASN A 233 -25.60 15.45 8.87
C ASN A 233 -25.03 14.83 7.60
N ILE A 234 -23.88 14.14 7.70
CA ILE A 234 -23.31 13.49 6.54
C ILE A 234 -24.03 12.19 6.21
N GLY A 235 -24.72 11.59 7.19
CA GLY A 235 -25.41 10.34 6.93
C GLY A 235 -26.47 10.46 5.85
N GLU A 236 -27.29 11.52 5.93
CA GLU A 236 -28.33 11.72 4.92
C GLU A 236 -27.74 12.06 3.56
N VAL A 237 -26.60 12.73 3.52
CA VAL A 237 -25.93 12.98 2.25
C VAL A 237 -25.52 11.67 1.61
N VAL A 238 -24.98 10.74 2.40
CA VAL A 238 -24.58 9.44 1.85
C VAL A 238 -25.80 8.66 1.40
N LYS A 239 -26.88 8.69 2.18
CA LYS A 239 -28.10 7.98 1.77
C LYS A 239 -28.67 8.55 0.48
N THR A 240 -28.61 9.87 0.32
CA THR A 240 -29.06 10.47 -0.93
C THR A 240 -28.17 10.07 -2.09
N MET A 241 -26.85 10.00 -1.85
CA MET A 241 -25.94 9.56 -2.90
C MET A 241 -26.25 8.13 -3.34
N LEU A 242 -26.57 7.25 -2.38
CA LEU A 242 -26.92 5.88 -2.74
C LEU A 242 -28.25 5.81 -3.46
N ARG A 243 -29.21 6.64 -3.05
CA ARG A 243 -30.53 6.62 -3.68
C ARG A 243 -30.46 7.09 -5.13
N GLU A 244 -29.70 8.15 -5.39
CA GLU A 244 -29.59 8.73 -6.72
C GLU A 244 -28.34 8.25 -7.47
N ASP A 245 -27.57 7.35 -6.87
CA ASP A 245 -26.37 6.76 -7.49
C ASP A 245 -25.42 7.83 -8.02
N ILE A 246 -24.96 8.67 -7.09
CA ILE A 246 -24.01 9.74 -7.41
C ILE A 246 -22.61 9.17 -7.17
N LYS A 247 -21.94 8.81 -8.25
CA LYS A 247 -20.65 8.15 -8.19
C LYS A 247 -19.52 9.14 -8.48
N PRO A 248 -18.30 8.85 -8.02
CA PRO A 248 -17.19 9.78 -8.26
C PRO A 248 -16.96 10.10 -9.73
N ARG A 249 -17.25 9.16 -10.64
CA ARG A 249 -17.07 9.44 -12.06
C ARG A 249 -18.20 10.28 -12.63
N ASP A 250 -19.35 10.32 -11.96
CA ASP A 250 -20.39 11.28 -12.34
C ASP A 250 -20.01 12.69 -11.94
N VAL A 251 -19.35 12.84 -10.79
CA VAL A 251 -19.01 14.16 -10.28
C VAL A 251 -17.72 14.68 -10.89
N LEU A 252 -16.68 13.84 -10.92
CA LEU A 252 -15.36 14.27 -11.37
C LEU A 252 -15.26 14.15 -12.89
N THR A 253 -15.95 15.08 -13.56
CA THR A 253 -15.91 15.17 -15.01
C THR A 253 -14.71 15.98 -15.46
N ARG A 254 -14.51 16.01 -16.78
CA ARG A 254 -13.45 16.86 -17.35
C ARG A 254 -13.69 18.32 -17.02
N GLN A 255 -14.94 18.76 -17.01
N GLN A 255 -14.94 18.75 -17.03
CA GLN A 255 -15.23 20.14 -16.66
CA GLN A 255 -15.29 20.12 -16.66
C GLN A 255 -14.98 20.41 -15.18
C GLN A 255 -14.96 20.40 -15.19
N ALA A 256 -15.11 19.40 -14.33
CA ALA A 256 -14.81 19.58 -12.91
C ALA A 256 -13.32 19.85 -12.69
N PHE A 257 -12.46 19.15 -13.42
CA PHE A 257 -11.03 19.43 -13.33
C PHE A 257 -10.69 20.77 -13.95
N GLU A 258 -11.43 21.18 -14.99
CA GLU A 258 -11.25 22.52 -15.53
C GLU A 258 -11.56 23.59 -14.48
N ASN A 259 -12.67 23.43 -13.77
CA ASN A 259 -12.98 24.33 -12.67
C ASN A 259 -11.90 24.30 -11.60
N ALA A 260 -11.38 23.11 -11.29
CA ALA A 260 -10.36 22.98 -10.25
C ALA A 260 -9.08 23.71 -10.64
N MET A 261 -8.61 23.53 -11.88
CA MET A 261 -7.41 24.25 -12.32
C MET A 261 -7.64 25.75 -12.30
N ILE A 262 -8.84 26.20 -12.65
CA ILE A 262 -9.13 27.63 -12.66
C ILE A 262 -9.09 28.19 -11.24
N VAL A 263 -9.76 27.51 -10.30
CA VAL A 263 -9.77 27.98 -8.92
C VAL A 263 -8.36 27.99 -8.34
N VAL A 264 -7.58 26.94 -8.62
CA VAL A 264 -6.19 26.91 -8.18
C VAL A 264 -5.41 28.05 -8.81
N ASN A 265 -5.66 28.32 -10.09
CA ASN A 265 -5.00 29.44 -10.76
C ASN A 265 -5.39 30.77 -10.13
N ILE A 266 -6.68 30.94 -9.80
CA ILE A 266 -7.14 32.19 -9.20
C ILE A 266 -6.43 32.44 -7.87
N LEU A 267 -6.17 31.38 -7.11
CA LEU A 267 -5.61 31.51 -5.77
C LEU A 267 -4.09 31.57 -5.74
N GLY A 268 -3.43 31.42 -6.88
CA GLY A 268 -1.98 31.47 -6.93
C GLY A 268 -1.36 30.31 -7.67
N GLY A 269 -1.96 29.13 -7.54
CA GLY A 269 -1.48 27.98 -8.27
C GLY A 269 -0.46 27.16 -7.49
N SER A 270 -0.68 25.85 -7.42
CA SER A 270 0.29 24.93 -6.86
C SER A 270 0.90 24.10 -7.98
N THR A 271 2.22 23.89 -7.91
CA THR A 271 2.86 22.95 -8.82
C THR A 271 2.59 21.51 -8.41
N ASN A 272 2.35 21.27 -7.12
CA ASN A 272 1.96 19.94 -6.68
C ASN A 272 0.56 19.58 -7.14
N ALA A 273 -0.30 20.60 -7.34
CA ALA A 273 -1.63 20.34 -7.88
C ALA A 273 -1.56 19.72 -9.27
N VAL A 274 -0.49 19.99 -10.02
CA VAL A 274 -0.30 19.33 -11.31
C VAL A 274 -0.17 17.83 -11.12
N LEU A 275 0.69 17.41 -10.20
CA LEU A 275 0.87 15.98 -9.92
C LEU A 275 -0.44 15.35 -9.45
N HIS A 276 -1.12 15.99 -8.51
CA HIS A 276 -2.25 15.37 -7.84
C HIS A 276 -3.52 15.41 -8.68
N LEU A 277 -3.80 16.52 -9.37
CA LEU A 277 -4.99 16.58 -10.19
C LEU A 277 -4.89 15.68 -11.41
N ILE A 278 -3.68 15.50 -11.95
CA ILE A 278 -3.50 14.56 -13.05
C ILE A 278 -3.72 13.14 -12.56
N ALA A 279 -3.20 12.80 -11.38
CA ALA A 279 -3.38 11.46 -10.85
C ALA A 279 -4.84 11.21 -10.45
N ILE A 280 -5.50 12.21 -9.86
CA ILE A 280 -6.90 12.07 -9.50
C ILE A 280 -7.76 11.91 -10.75
N ALA A 281 -7.49 12.72 -11.78
CA ALA A 281 -8.22 12.57 -13.03
C ALA A 281 -7.96 11.21 -13.66
N ASP A 282 -6.72 10.72 -13.59
CA ASP A 282 -6.40 9.40 -14.11
C ASP A 282 -7.21 8.31 -13.41
N SER A 283 -7.46 8.48 -12.11
CA SER A 283 -8.18 7.46 -11.35
C SER A 283 -9.65 7.34 -11.75
N VAL A 284 -10.23 8.37 -12.37
CA VAL A 284 -11.61 8.34 -12.82
C VAL A 284 -11.71 8.18 -14.34
N GLY A 285 -10.59 7.94 -15.02
CA GLY A 285 -10.63 7.75 -16.45
C GLY A 285 -10.62 9.00 -17.28
N ILE A 286 -10.12 10.12 -16.74
CA ILE A 286 -10.06 11.39 -17.44
C ILE A 286 -8.60 11.70 -17.78
N LYS A 287 -8.33 11.98 -19.05
CA LYS A 287 -6.99 12.33 -19.50
C LYS A 287 -6.72 13.80 -19.19
N LEU A 288 -5.80 14.07 -18.28
CA LEU A 288 -5.42 15.43 -17.92
C LEU A 288 -3.92 15.58 -18.11
N THR A 289 -3.52 16.55 -18.92
CA THR A 289 -2.12 16.75 -19.28
C THR A 289 -1.60 18.06 -18.70
N ILE A 290 -0.27 18.20 -18.72
CA ILE A 290 0.35 19.45 -18.27
C ILE A 290 -0.03 20.59 -19.19
N ASP A 291 -0.33 20.30 -20.45
CA ASP A 291 -0.71 21.35 -21.39
C ASP A 291 -2.12 21.88 -21.09
N ASP A 292 -2.97 21.05 -20.48
CA ASP A 292 -4.26 21.54 -20.01
C ASP A 292 -4.08 22.59 -18.91
N PHE A 293 -3.04 22.44 -18.10
CA PHE A 293 -2.74 23.45 -17.08
C PHE A 293 -2.23 24.73 -17.72
N GLN A 294 -1.42 24.61 -18.77
CA GLN A 294 -0.96 25.79 -19.49
C GLN A 294 -2.12 26.55 -20.11
N ALA A 295 -3.10 25.83 -20.66
CA ALA A 295 -4.23 26.47 -21.31
C ALA A 295 -5.04 27.29 -20.31
N VAL A 296 -5.26 26.76 -19.10
CA VAL A 296 -5.95 27.52 -18.08
C VAL A 296 -5.13 28.74 -17.68
N SER A 297 -3.81 28.55 -17.52
CA SER A 297 -2.95 29.63 -17.05
C SER A 297 -2.88 30.78 -18.05
N ASP A 298 -3.08 30.48 -19.33
CA ASP A 298 -3.06 31.54 -20.35
C ASP A 298 -4.31 32.40 -20.29
N LYS A 299 -5.45 31.82 -19.93
CA LYS A 299 -6.74 32.51 -20.02
C LYS A 299 -7.26 33.00 -18.67
N THR A 300 -6.58 32.67 -17.57
CA THR A 300 -7.11 32.93 -16.24
C THR A 300 -6.17 33.85 -15.47
N PRO A 301 -6.68 34.88 -14.83
CA PRO A 301 -5.82 35.79 -14.06
C PRO A 301 -5.59 35.28 -12.64
N PHE A 302 -4.67 35.96 -11.95
CA PHE A 302 -4.34 35.70 -10.56
C PHE A 302 -4.94 36.82 -9.72
N LEU A 303 -5.86 36.47 -8.82
CA LEU A 303 -6.68 37.45 -8.12
C LEU A 303 -6.52 37.44 -6.61
N ALA A 304 -5.94 36.41 -6.02
CA ALA A 304 -5.91 36.25 -4.57
C ALA A 304 -4.71 36.99 -3.98
N ASP A 305 -4.98 37.93 -3.07
CA ASP A 305 -3.93 38.68 -2.38
C ASP A 305 -3.50 37.88 -1.15
N LEU A 306 -2.64 36.90 -1.39
CA LEU A 306 -2.29 35.91 -0.38
C LEU A 306 -0.80 35.88 -0.11
N LYS A 307 -0.45 35.59 1.14
CA LYS A 307 0.95 35.48 1.55
C LYS A 307 1.56 34.21 0.99
N PRO A 308 2.90 34.12 0.94
CA PRO A 308 3.96 34.99 1.49
C PRO A 308 4.11 36.35 0.80
N SER A 309 3.66 36.45 -0.46
CA SER A 309 3.87 37.68 -1.22
C SER A 309 2.69 38.63 -1.16
N GLY A 310 1.57 38.21 -0.56
CA GLY A 310 0.41 39.07 -0.40
C GLY A 310 0.15 39.46 1.04
N LYS A 311 -1.10 39.77 1.35
CA LYS A 311 -1.48 40.22 2.68
C LYS A 311 -2.19 39.16 3.51
N TYR A 312 -3.02 38.33 2.89
CA TYR A 312 -3.96 37.48 3.62
C TYR A 312 -3.56 36.02 3.59
N LEU A 313 -4.26 35.24 4.40
CA LEU A 313 -4.15 33.79 4.47
C LEU A 313 -5.43 33.15 3.96
N MET A 314 -5.34 31.87 3.60
CA MET A 314 -6.53 31.15 3.15
C MET A 314 -7.58 31.08 4.24
N ASN A 315 -7.16 31.05 5.50
CA ASN A 315 -8.08 31.07 6.63
C ASN A 315 -8.94 32.32 6.66
N ASP A 316 -8.48 33.41 6.03
CA ASP A 316 -9.24 34.65 6.02
C ASP A 316 -10.46 34.57 5.12
N LEU A 317 -10.53 33.58 4.23
CA LEU A 317 -11.66 33.49 3.31
C LEU A 317 -12.94 33.10 4.02
N TYR A 318 -12.84 32.33 5.11
CA TYR A 318 -14.01 31.87 5.83
C TYR A 318 -14.86 33.04 6.31
N ASN A 319 -14.22 34.13 6.74
CA ASN A 319 -14.95 35.25 7.32
C ASN A 319 -15.63 36.14 6.29
N ILE A 320 -15.29 36.00 5.01
CA ILE A 320 -15.95 36.74 3.95
C ILE A 320 -16.86 35.83 3.11
N GLY A 321 -17.23 34.66 3.65
CA GLY A 321 -18.13 33.75 2.98
C GLY A 321 -17.52 32.43 2.58
N GLY A 322 -16.21 32.25 2.71
CA GLY A 322 -15.61 30.96 2.47
C GLY A 322 -15.61 30.53 1.01
N THR A 323 -15.41 29.22 0.83
CA THR A 323 -15.37 28.66 -0.53
C THR A 323 -16.66 28.86 -1.31
N PRO A 324 -17.87 28.66 -0.75
CA PRO A 324 -19.08 28.96 -1.53
C PRO A 324 -19.14 30.38 -2.06
N ALA A 325 -18.75 31.37 -1.24
CA ALA A 325 -18.75 32.75 -1.70
C ALA A 325 -17.75 32.96 -2.83
N LEU A 326 -16.60 32.30 -2.74
CA LEU A 326 -15.61 32.39 -3.82
C LEU A 326 -16.16 31.79 -5.11
N LEU A 327 -16.84 30.65 -5.02
CA LEU A 327 -17.43 30.06 -6.21
C LEU A 327 -18.57 30.92 -6.75
N LYS A 328 -19.37 31.52 -5.87
CA LYS A 328 -20.38 32.46 -6.30
C LYS A 328 -19.77 33.62 -7.08
N TYR A 329 -18.65 34.14 -6.60
CA TYR A 329 -17.99 35.26 -7.28
C TYR A 329 -17.47 34.83 -8.65
N LEU A 330 -16.80 33.68 -8.72
CA LEU A 330 -16.28 33.21 -10.01
C LEU A 330 -17.39 32.83 -10.97
N LEU A 331 -18.52 32.34 -10.43
CA LEU A 331 -19.69 32.09 -11.27
C LEU A 331 -20.25 33.40 -11.83
N LYS A 332 -20.32 34.44 -10.99
CA LYS A 332 -20.84 35.73 -11.44
C LYS A 332 -20.02 36.30 -12.58
N GLU A 333 -18.69 36.14 -12.54
CA GLU A 333 -17.82 36.63 -13.58
C GLU A 333 -17.75 35.70 -14.79
N GLY A 334 -18.39 34.55 -14.75
CA GLY A 334 -18.43 33.67 -15.90
C GLY A 334 -17.18 32.85 -16.13
N LEU A 335 -16.33 32.70 -15.11
CA LEU A 335 -15.06 32.00 -15.28
C LEU A 335 -15.13 30.50 -15.02
N ILE A 336 -16.19 30.03 -14.35
CA ILE A 336 -16.35 28.60 -14.08
C ILE A 336 -17.77 28.18 -14.40
N ASP A 337 -17.92 26.88 -14.66
CA ASP A 337 -19.22 26.29 -14.99
C ASP A 337 -19.81 25.67 -13.73
N GLY A 338 -21.02 26.07 -13.39
CA GLY A 338 -21.68 25.58 -12.18
C GLY A 338 -22.75 24.55 -12.42
N SER A 339 -22.78 23.95 -13.60
CA SER A 339 -23.84 23.01 -13.97
C SER A 339 -23.49 21.56 -13.65
N GLY A 340 -22.36 21.31 -13.00
CA GLY A 340 -21.94 19.94 -12.72
C GLY A 340 -22.53 19.40 -11.44
N ILE A 341 -22.91 18.12 -11.48
CA ILE A 341 -23.50 17.47 -10.32
C ILE A 341 -22.44 17.31 -9.22
N THR A 342 -22.91 17.34 -7.96
CA THR A 342 -22.05 17.18 -6.79
C THR A 342 -22.62 16.10 -5.90
N VAL A 343 -21.94 15.85 -4.77
CA VAL A 343 -22.35 14.82 -3.82
C VAL A 343 -23.65 15.16 -3.09
N THR A 344 -24.11 16.41 -3.16
CA THR A 344 -25.35 16.79 -2.51
C THR A 344 -26.58 16.42 -3.33
N GLY A 345 -26.41 15.96 -4.57
CA GLY A 345 -27.51 15.77 -5.48
C GLY A 345 -27.86 16.98 -6.31
N LYS A 346 -27.25 18.13 -6.03
CA LYS A 346 -27.48 19.37 -6.75
C LYS A 346 -26.21 19.79 -7.49
N THR A 347 -26.39 20.72 -8.42
CA THR A 347 -25.26 21.29 -9.13
C THR A 347 -24.52 22.29 -8.23
N MET A 348 -23.37 22.77 -8.72
CA MET A 348 -22.63 23.78 -7.97
C MET A 348 -23.46 25.05 -7.82
N LYS A 349 -24.03 25.54 -8.93
CA LYS A 349 -24.88 26.73 -8.91
C LYS A 349 -26.02 26.58 -7.90
N GLU A 350 -26.67 25.41 -7.89
CA GLU A 350 -27.76 25.19 -6.95
C GLU A 350 -27.26 25.11 -5.52
N ASN A 351 -26.07 24.56 -5.30
CA ASN A 351 -25.52 24.45 -3.95
C ASN A 351 -25.27 25.82 -3.34
N VAL A 352 -24.66 26.74 -4.12
CA VAL A 352 -24.19 28.00 -3.58
C VAL A 352 -25.24 29.11 -3.69
N ALA A 353 -26.41 28.83 -4.26
CA ALA A 353 -27.43 29.87 -4.40
C ALA A 353 -27.84 30.43 -3.05
N SER A 354 -27.99 29.56 -2.06
CA SER A 354 -28.43 29.98 -0.73
C SER A 354 -27.31 30.59 0.13
N TRP A 355 -26.04 30.53 -0.34
CA TRP A 355 -24.98 31.07 0.49
C TRP A 355 -24.78 32.56 0.22
N PRO A 356 -24.29 33.31 1.19
CA PRO A 356 -24.07 34.74 0.98
C PRO A 356 -22.86 35.01 0.11
N ASP A 357 -22.89 36.16 -0.57
CA ASP A 357 -21.82 36.58 -1.46
C ASP A 357 -20.65 37.17 -0.67
N PHE A 358 -19.60 37.54 -1.39
CA PHE A 358 -18.53 38.33 -0.80
C PHE A 358 -19.09 39.67 -0.35
N PRO A 359 -18.61 40.21 0.77
CA PRO A 359 -18.89 41.62 1.06
C PRO A 359 -18.21 42.49 0.01
N SER A 360 -18.86 43.61 -0.30
CA SER A 360 -18.39 44.47 -1.38
C SER A 360 -16.98 45.00 -1.10
N ASP A 361 -16.62 45.19 0.17
CA ASP A 361 -15.35 45.80 0.56
C ASP A 361 -14.25 44.78 0.83
N GLN A 362 -14.27 43.63 0.17
CA GLN A 362 -13.24 42.62 0.38
C GLN A 362 -12.07 42.88 -0.56
N ASP A 363 -10.86 42.77 -0.03
CA ASP A 363 -9.65 42.95 -0.82
C ASP A 363 -8.79 41.69 -0.83
N ILE A 364 -9.37 40.52 -0.52
CA ILE A 364 -8.63 39.27 -0.61
C ILE A 364 -8.65 38.73 -2.04
N ILE A 365 -9.83 38.73 -2.67
CA ILE A 365 -9.96 38.35 -4.07
C ILE A 365 -10.12 39.63 -4.88
N ARG A 366 -9.14 39.90 -5.74
CA ARG A 366 -9.19 41.10 -6.56
C ARG A 366 -10.35 41.01 -7.56
N PRO A 367 -10.88 42.15 -7.98
CA PRO A 367 -11.85 42.14 -9.07
C PRO A 367 -11.17 41.83 -10.39
N LEU A 368 -11.98 41.38 -11.35
CA LEU A 368 -11.46 41.12 -12.68
C LEU A 368 -10.89 42.37 -13.30
N SER A 369 -11.46 43.53 -12.98
CA SER A 369 -10.91 44.82 -13.38
C SER A 369 -9.42 44.94 -13.04
N ASN A 370 -9.05 44.56 -11.81
CA ASN A 370 -7.73 44.88 -11.26
C ASN A 370 -7.06 43.60 -10.77
N PRO A 371 -6.62 42.74 -11.69
CA PRO A 371 -5.98 41.49 -11.28
C PRO A 371 -4.54 41.72 -10.82
N ILE A 372 -4.07 40.82 -9.94
CA ILE A 372 -2.68 40.85 -9.53
C ILE A 372 -1.77 40.50 -10.70
N LYS A 373 -2.21 39.56 -11.54
CA LYS A 373 -1.53 39.23 -12.78
C LYS A 373 -2.60 38.83 -13.77
N PRO A 374 -2.52 39.31 -15.02
CA PRO A 374 -3.59 38.99 -15.99
C PRO A 374 -3.58 37.55 -16.46
N SER A 375 -2.49 36.82 -16.25
CA SER A 375 -2.40 35.41 -16.60
C SER A 375 -1.88 34.64 -15.40
N GLY A 376 -1.84 33.31 -15.54
CA GLY A 376 -1.50 32.46 -14.41
C GLY A 376 0.00 32.38 -14.15
N HIS A 377 0.33 32.07 -12.89
CA HIS A 377 1.72 31.87 -12.52
C HIS A 377 2.30 30.62 -13.16
N LEU A 378 1.50 29.57 -13.26
CA LEU A 378 2.02 28.25 -13.61
C LEU A 378 2.34 28.18 -15.11
N GLN A 379 3.57 27.79 -15.43
CA GLN A 379 4.02 27.70 -16.81
C GLN A 379 4.62 26.33 -17.08
N ILE A 380 4.32 25.78 -18.25
CA ILE A 380 4.87 24.51 -18.71
C ILE A 380 5.95 24.80 -19.74
N LEU A 381 7.15 24.28 -19.50
CA LEU A 381 8.29 24.48 -20.39
C LEU A 381 8.79 23.14 -20.90
N ARG A 382 9.16 23.09 -22.18
CA ARG A 382 9.76 21.90 -22.77
C ARG A 382 11.18 22.26 -23.19
N GLY A 383 11.54 22.05 -24.46
CA GLY A 383 12.90 22.32 -24.91
C GLY A 383 13.76 21.08 -24.89
N SER A 384 14.99 21.26 -25.38
CA SER A 384 15.90 20.14 -25.54
C SER A 384 16.38 19.57 -24.21
N LEU A 385 16.32 20.33 -23.13
CA LEU A 385 16.70 19.81 -21.82
C LEU A 385 15.56 19.10 -21.11
N ALA A 386 14.32 19.51 -21.37
CA ALA A 386 13.14 18.89 -20.77
C ALA A 386 12.12 18.58 -21.86
N PRO A 387 12.44 17.65 -22.77
CA PRO A 387 11.52 17.39 -23.88
C PRO A 387 10.20 16.79 -23.43
N GLY A 388 10.17 16.11 -22.28
CA GLY A 388 8.95 15.56 -21.74
C GLY A 388 8.15 16.49 -20.87
N GLY A 389 8.62 17.72 -20.67
CA GLY A 389 7.89 18.71 -19.90
C GLY A 389 8.61 19.06 -18.61
N SER A 390 8.15 20.17 -18.02
CA SER A 390 8.65 20.69 -16.75
C SER A 390 7.64 21.71 -16.26
N VAL A 391 7.76 22.06 -14.98
CA VAL A 391 6.76 22.87 -14.31
C VAL A 391 7.47 23.97 -13.52
N GLY A 392 6.98 25.20 -13.65
CA GLY A 392 7.50 26.31 -12.89
C GLY A 392 6.49 27.41 -12.71
N LYS A 393 6.50 28.05 -11.54
CA LYS A 393 5.66 29.20 -11.26
C LYS A 393 6.47 30.46 -11.57
N ILE A 394 5.97 31.27 -12.50
CA ILE A 394 6.71 32.40 -13.05
C ILE A 394 5.96 33.67 -12.67
N THR A 395 6.59 34.48 -11.81
CA THR A 395 5.97 35.71 -11.33
C THR A 395 6.01 36.81 -12.38
N GLY A 396 7.02 36.82 -13.24
CA GLY A 396 7.26 37.92 -14.14
C GLY A 396 8.49 38.72 -13.77
N LYS A 397 8.93 38.61 -12.53
CA LYS A 397 10.10 39.33 -12.05
C LYS A 397 11.40 38.61 -12.37
N GLU A 398 11.31 37.39 -12.89
CA GLU A 398 12.47 36.63 -13.36
C GLU A 398 13.06 37.14 -14.68
N GLY A 399 12.40 38.05 -15.39
CA GLY A 399 12.78 38.33 -16.76
C GLY A 399 12.23 37.30 -17.74
N LEU A 400 12.36 37.63 -19.02
CA LEU A 400 11.76 36.83 -20.09
C LEU A 400 12.76 35.94 -20.81
N ARG A 401 14.05 36.02 -20.47
CA ARG A 401 15.02 35.07 -21.00
C ARG A 401 16.20 34.97 -20.05
N PHE A 402 16.69 33.75 -19.84
CA PHE A 402 17.86 33.53 -18.99
C PHE A 402 18.77 32.55 -19.71
N GLU A 403 19.92 33.04 -20.17
CA GLU A 403 20.96 32.22 -20.77
C GLU A 403 22.15 32.20 -19.83
N GLY A 404 22.72 31.03 -19.60
CA GLY A 404 23.77 30.94 -18.60
C GLY A 404 24.61 29.70 -18.71
N THR A 405 25.61 29.61 -17.84
CA THR A 405 26.53 28.48 -17.79
C THR A 405 26.02 27.42 -16.84
N ALA A 406 26.08 26.17 -17.27
CA ALA A 406 25.57 25.07 -16.48
C ALA A 406 26.55 24.65 -15.39
N LYS A 407 26.02 24.39 -14.20
CA LYS A 407 26.77 23.72 -13.13
C LYS A 407 25.86 22.67 -12.53
N CYS A 408 26.31 21.42 -12.54
CA CYS A 408 25.45 20.27 -12.27
C CYS A 408 25.76 19.65 -10.91
N TYR A 409 24.72 19.18 -10.24
CA TYR A 409 24.85 18.55 -8.93
C TYR A 409 23.92 17.35 -8.86
N ASP A 410 24.44 16.23 -8.37
CA ASP A 410 23.70 14.98 -8.33
C ASP A 410 22.94 14.78 -7.02
N TYR A 411 22.99 15.73 -6.10
CA TYR A 411 22.15 15.71 -4.91
C TYR A 411 22.08 17.13 -4.34
N GLU A 412 21.11 17.33 -3.45
CA GLU A 412 20.81 18.68 -2.96
C GLU A 412 22.00 19.29 -2.23
N ASP A 413 22.58 18.55 -1.28
CA ASP A 413 23.65 19.11 -0.47
C ASP A 413 24.90 19.44 -1.29
N ALA A 414 25.12 18.72 -2.39
CA ALA A 414 26.25 19.02 -3.26
C ALA A 414 26.19 20.45 -3.78
N PHE A 415 24.98 20.95 -4.06
CA PHE A 415 24.83 22.33 -4.49
C PHE A 415 25.08 23.31 -3.35
N ILE A 416 24.46 23.06 -2.20
CA ILE A 416 24.62 23.95 -1.05
C ILE A 416 26.08 24.08 -0.66
N GLU A 417 26.83 22.99 -0.75
CA GLU A 417 28.25 23.03 -0.40
C GLU A 417 29.09 23.70 -1.47
N SER A 418 28.72 23.58 -2.74
CA SER A 418 29.44 24.32 -3.77
C SER A 418 29.13 25.81 -3.69
N LEU A 419 27.92 26.17 -3.26
CA LEU A 419 27.57 27.57 -3.06
C LEU A 419 28.40 28.18 -1.95
N GLU A 420 28.52 27.46 -0.82
CA GLU A 420 29.26 27.95 0.33
C GLU A 420 30.76 28.08 0.07
N ARG A 421 31.28 27.39 -0.94
CA ARG A 421 32.68 27.50 -1.33
C ARG A 421 32.92 28.61 -2.36
N GLY A 422 31.88 29.38 -2.68
CA GLY A 422 32.05 30.49 -3.60
C GLY A 422 32.30 30.07 -5.03
N GLU A 423 31.85 28.88 -5.41
CA GLU A 423 32.04 28.41 -6.79
C GLU A 423 31.00 28.99 -7.73
N ILE A 424 29.97 29.64 -7.19
CA ILE A 424 28.94 30.30 -7.98
C ILE A 424 29.13 31.80 -7.76
N LYS A 425 29.39 32.53 -8.84
CA LYS A 425 29.90 33.89 -8.76
C LYS A 425 28.82 34.89 -9.15
N LYS A 426 28.82 36.04 -8.48
CA LYS A 426 27.99 37.16 -8.90
C LYS A 426 28.51 37.75 -10.20
N GLY A 427 27.61 38.42 -10.90
CA GLY A 427 27.91 38.99 -12.21
C GLY A 427 27.86 37.99 -13.35
N GLU A 428 28.07 36.71 -13.03
CA GLU A 428 27.92 35.65 -14.01
C GLU A 428 26.51 35.07 -13.94
N LYS A 429 25.97 34.71 -15.09
CA LYS A 429 24.70 34.00 -15.17
C LYS A 429 24.97 32.50 -15.17
N THR A 430 24.55 31.82 -14.11
CA THR A 430 24.79 30.40 -13.91
C THR A 430 23.46 29.68 -13.82
N VAL A 431 23.33 28.56 -14.55
CA VAL A 431 22.15 27.71 -14.51
C VAL A 431 22.49 26.48 -13.69
N VAL A 432 21.87 26.38 -12.52
CA VAL A 432 22.16 25.30 -11.58
C VAL A 432 21.21 24.14 -11.85
N ILE A 433 21.77 22.96 -12.11
CA ILE A 433 21.01 21.73 -12.28
C ILE A 433 21.25 20.85 -11.05
N ILE A 434 20.18 20.58 -10.31
CA ILE A 434 20.19 19.59 -9.24
C ILE A 434 19.38 18.40 -9.74
N ARG A 435 20.06 17.32 -10.09
CA ARG A 435 19.44 16.18 -10.75
C ARG A 435 19.51 14.95 -9.86
N TYR A 436 18.95 13.85 -10.37
CA TYR A 436 18.79 12.60 -9.63
C TYR A 436 17.96 12.80 -8.37
N GLU A 437 16.97 13.69 -8.46
CA GLU A 437 16.00 13.92 -7.40
C GLU A 437 14.57 13.66 -7.87
N GLY A 438 14.41 12.94 -8.98
CA GLY A 438 13.11 12.73 -9.56
C GLY A 438 12.32 11.64 -8.88
N PRO A 439 11.26 11.16 -9.54
CA PRO A 439 10.43 10.10 -8.94
C PRO A 439 11.21 8.84 -8.60
N LYS A 440 12.11 8.41 -9.48
CA LYS A 440 12.93 7.24 -9.21
C LYS A 440 14.29 7.60 -8.63
N GLY A 441 14.81 8.78 -8.95
CA GLY A 441 16.11 9.21 -8.47
C GLY A 441 16.12 9.64 -7.01
N GLY A 442 15.07 10.34 -6.59
CA GLY A 442 14.96 10.83 -5.24
C GLY A 442 15.17 9.76 -4.18
N PRO A 443 14.24 8.78 -4.10
CA PRO A 443 13.04 8.69 -4.92
C PRO A 443 11.89 9.53 -4.35
N GLY A 444 10.77 9.57 -5.06
CA GLY A 444 9.59 10.24 -4.56
C GLY A 444 9.60 11.74 -4.74
N MET A 445 10.51 12.28 -5.53
CA MET A 445 10.59 13.71 -5.80
C MET A 445 10.61 14.54 -4.52
N PRO A 446 11.59 14.34 -3.64
CA PRO A 446 11.57 15.03 -2.34
C PRO A 446 11.62 16.54 -2.52
N GLU A 447 10.74 17.24 -1.80
CA GLU A 447 10.66 18.69 -1.90
C GLU A 447 11.88 19.33 -1.25
N MET A 448 12.67 20.04 -2.06
CA MET A 448 13.89 20.68 -1.60
C MET A 448 13.61 22.13 -1.26
N LEU A 449 13.78 22.50 0.00
CA LEU A 449 13.52 23.85 0.47
C LEU A 449 14.77 24.73 0.51
N LYS A 450 15.95 24.15 0.67
CA LYS A 450 17.22 24.84 0.90
C LYS A 450 17.87 25.48 -0.33
N PRO A 451 17.73 24.93 -1.54
CA PRO A 451 18.38 25.59 -2.69
C PRO A 451 17.86 26.98 -2.97
N SER A 452 16.54 27.18 -2.94
CA SER A 452 15.99 28.50 -3.22
C SER A 452 16.27 29.47 -2.09
N ALA A 453 16.20 29.00 -0.84
CA ALA A 453 16.49 29.87 0.30
C ALA A 453 17.95 30.29 0.32
N ALA A 454 18.86 29.37 0.00
CA ALA A 454 20.29 29.69 0.04
C ALA A 454 20.69 30.68 -1.04
N ILE A 455 19.92 30.79 -2.12
CA ILE A 455 20.27 31.74 -3.17
C ILE A 455 19.76 33.14 -2.83
N MET A 456 18.61 33.25 -2.17
CA MET A 456 18.17 34.55 -1.68
C MET A 456 19.06 35.04 -0.55
N GLY A 457 19.49 34.13 0.33
CA GLY A 457 20.38 34.52 1.41
C GLY A 457 21.77 34.91 0.98
N ALA A 458 22.13 34.68 -0.28
CA ALA A 458 23.42 35.10 -0.82
C ALA A 458 23.30 36.18 -1.88
N GLY A 459 22.09 36.68 -2.15
CA GLY A 459 21.89 37.71 -3.14
C GLY A 459 22.25 37.28 -4.55
N LEU A 460 21.81 36.09 -4.96
CA LEU A 460 22.10 35.57 -6.29
C LEU A 460 20.83 35.31 -7.10
N GLY A 461 19.68 35.79 -6.64
CA GLY A 461 18.41 35.49 -7.30
C GLY A 461 18.31 36.00 -8.72
N GLN A 462 19.17 36.96 -9.10
CA GLN A 462 19.16 37.52 -10.44
C GLN A 462 20.26 36.94 -11.32
N ASP A 463 21.18 36.16 -10.75
CA ASP A 463 22.27 35.57 -11.50
C ASP A 463 22.18 34.06 -11.61
N VAL A 464 21.20 33.42 -10.96
CA VAL A 464 21.15 31.97 -10.85
C VAL A 464 19.74 31.49 -11.16
N ALA A 465 19.62 30.58 -12.12
CA ALA A 465 18.39 29.85 -12.38
C ALA A 465 18.53 28.43 -11.84
N LEU A 466 17.44 27.89 -11.31
CA LEU A 466 17.44 26.58 -10.68
C LEU A 466 16.60 25.60 -11.48
N LEU A 467 17.18 24.45 -11.81
CA LEU A 467 16.51 23.40 -12.55
C LEU A 467 16.67 22.08 -11.80
N THR A 468 15.63 21.26 -11.80
CA THR A 468 15.68 19.96 -11.16
C THR A 468 14.67 19.03 -11.80
N ASP A 469 14.96 17.73 -11.74
CA ASP A 469 13.97 16.71 -12.05
C ASP A 469 13.09 16.38 -10.86
N GLY A 470 13.33 17.01 -9.71
CA GLY A 470 12.50 16.84 -8.54
C GLY A 470 11.61 18.04 -8.28
N ARG A 471 11.57 18.50 -7.04
CA ARG A 471 10.71 19.59 -6.63
C ARG A 471 11.47 20.62 -5.80
N PHE A 472 11.13 21.88 -6.02
CA PHE A 472 11.50 22.98 -5.15
C PHE A 472 10.29 23.38 -4.33
N SER A 473 10.51 24.19 -3.29
CA SER A 473 9.40 24.56 -2.43
C SER A 473 9.31 26.06 -2.17
N GLY A 474 10.36 26.66 -1.63
CA GLY A 474 10.37 28.09 -1.40
C GLY A 474 10.27 28.90 -2.68
N GLY A 475 10.30 30.23 -2.54
CA GLY A 475 10.20 31.13 -3.67
C GLY A 475 11.56 31.74 -3.95
N SER A 476 11.83 31.99 -5.23
CA SER A 476 13.07 32.61 -5.67
C SER A 476 12.77 33.73 -6.65
N HIS A 477 13.57 34.78 -6.59
CA HIS A 477 13.38 35.90 -7.50
C HIS A 477 13.81 35.57 -8.92
N GLY A 478 14.48 34.43 -9.12
CA GLY A 478 14.79 33.91 -10.42
C GLY A 478 13.95 32.71 -10.80
N PHE A 479 14.40 32.00 -11.82
CA PHE A 479 13.64 30.89 -12.38
C PHE A 479 13.73 29.66 -11.48
N LEU A 480 12.57 29.10 -11.14
CA LEU A 480 12.46 27.88 -10.34
C LEU A 480 11.66 26.88 -11.17
N ILE A 481 12.35 25.89 -11.74
CA ILE A 481 11.73 24.94 -12.66
C ILE A 481 12.01 23.54 -12.15
N GLY A 482 10.95 22.76 -11.92
CA GLY A 482 11.09 21.38 -11.52
C GLY A 482 10.31 20.45 -12.42
N HIS A 483 10.16 19.19 -12.01
CA HIS A 483 9.38 18.18 -12.74
C HIS A 483 9.95 17.93 -14.13
N ILE A 484 11.26 18.14 -14.31
CA ILE A 484 11.87 18.02 -15.63
C ILE A 484 11.84 16.56 -16.06
N VAL A 485 11.28 16.31 -17.24
CA VAL A 485 11.05 14.96 -17.75
C VAL A 485 11.77 14.82 -19.09
N PRO A 486 12.49 13.72 -19.35
CA PRO A 486 12.73 12.61 -18.41
C PRO A 486 13.69 12.99 -17.29
N GLU A 487 13.56 12.33 -16.14
CA GLU A 487 14.46 12.59 -15.03
C GLU A 487 15.84 12.03 -15.33
N ALA A 488 16.81 12.42 -14.49
CA ALA A 488 18.19 11.99 -14.71
C ALA A 488 18.34 10.48 -14.56
N MET A 489 17.56 9.86 -13.68
CA MET A 489 17.63 8.42 -13.48
C MET A 489 17.19 7.66 -14.71
N GLU A 490 16.35 8.25 -15.55
CA GLU A 490 15.89 7.63 -16.79
C GLU A 490 16.75 7.99 -17.99
N GLY A 491 17.84 8.74 -17.79
CA GLY A 491 18.73 9.07 -18.88
C GLY A 491 18.30 10.22 -19.76
N GLY A 492 17.42 11.09 -19.26
CA GLY A 492 17.01 12.27 -20.00
C GLY A 492 18.17 13.23 -20.21
N PRO A 493 17.97 14.22 -21.08
CA PRO A 493 19.03 15.22 -21.33
C PRO A 493 19.53 15.89 -20.06
N ILE A 494 18.72 15.99 -19.01
CA ILE A 494 19.17 16.61 -17.77
C ILE A 494 20.33 15.82 -17.16
N ALA A 495 20.41 14.52 -17.42
CA ALA A 495 21.53 13.72 -16.97
C ALA A 495 22.76 13.90 -17.83
N LEU A 496 22.60 14.40 -19.06
CA LEU A 496 23.70 14.52 -20.01
C LEU A 496 24.34 15.89 -20.02
N ALA A 497 23.73 16.88 -19.38
CA ALA A 497 24.35 18.20 -19.26
C ALA A 497 25.65 18.11 -18.48
N ARG A 498 26.59 19.00 -18.80
CA ARG A 498 27.87 19.08 -18.15
C ARG A 498 28.18 20.51 -17.75
N ASP A 499 29.04 20.66 -16.74
CA ASP A 499 29.54 21.97 -16.37
C ASP A 499 30.16 22.67 -17.56
N GLY A 500 29.77 23.92 -17.78
CA GLY A 500 30.24 24.70 -18.90
C GLY A 500 29.31 24.72 -20.09
N ASP A 501 28.30 23.85 -20.11
CA ASP A 501 27.31 23.89 -21.18
C ASP A 501 26.46 25.15 -21.07
N ARG A 502 26.05 25.67 -22.22
CA ARG A 502 25.15 26.81 -22.28
C ARG A 502 23.72 26.30 -22.23
N ILE A 503 22.89 26.92 -21.37
CA ILE A 503 21.49 26.58 -21.24
C ILE A 503 20.68 27.85 -21.34
N VAL A 504 19.59 27.82 -22.11
CA VAL A 504 18.71 28.95 -22.29
C VAL A 504 17.35 28.60 -21.68
N ILE A 505 16.79 29.54 -20.93
CA ILE A 505 15.43 29.45 -20.42
C ILE A 505 14.66 30.61 -21.02
N ASP A 506 13.67 30.30 -21.86
CA ASP A 506 12.88 31.31 -22.56
C ASP A 506 11.44 31.15 -22.08
N ALA A 507 10.92 32.18 -21.39
CA ALA A 507 9.60 32.07 -20.80
C ALA A 507 8.48 32.24 -21.81
N GLU A 508 8.73 32.96 -22.91
CA GLU A 508 7.70 33.11 -23.93
C GLU A 508 7.69 31.92 -24.89
N GLU A 509 8.87 31.46 -25.30
CA GLU A 509 8.95 30.21 -26.05
C GLU A 509 8.59 29.00 -25.21
N ARG A 510 8.73 29.11 -23.88
CA ARG A 510 8.49 28.00 -22.95
C ARG A 510 9.36 26.80 -23.28
N VAL A 511 10.67 27.04 -23.37
CA VAL A 511 11.65 25.98 -23.59
C VAL A 511 12.81 26.17 -22.63
N VAL A 512 13.38 25.05 -22.20
CA VAL A 512 14.67 25.02 -21.52
C VAL A 512 15.60 24.23 -22.43
N ASP A 513 16.51 24.93 -23.10
CA ASP A 513 17.32 24.35 -24.16
C ASP A 513 18.74 24.14 -23.66
N LEU A 514 19.27 22.94 -23.93
CA LEU A 514 20.68 22.65 -23.69
C LEU A 514 21.44 22.96 -24.98
N GLU A 515 22.21 24.06 -24.96
CA GLU A 515 22.81 24.59 -26.18
C GLU A 515 24.07 23.80 -26.54
N ILE A 516 23.84 22.54 -26.90
CA ILE A 516 24.89 21.69 -27.44
C ILE A 516 24.35 21.01 -28.69
N PRO A 517 25.22 20.59 -29.60
CA PRO A 517 24.75 19.93 -30.82
C PRO A 517 24.00 18.64 -30.53
N THR A 518 23.01 18.37 -31.39
CA THR A 518 22.22 17.14 -31.24
C THR A 518 23.09 15.90 -31.34
N GLU A 519 24.08 15.92 -32.24
CA GLU A 519 25.01 14.80 -32.34
C GLU A 519 25.77 14.60 -31.04
N GLU A 520 26.19 15.69 -30.39
CA GLU A 520 26.90 15.59 -29.12
C GLU A 520 25.97 15.06 -28.02
N LEU A 521 24.73 15.55 -27.96
CA LEU A 521 23.78 15.07 -26.97
C LEU A 521 23.55 13.57 -27.11
N GLU A 522 23.50 13.07 -28.34
CA GLU A 522 23.33 11.64 -28.55
C GLU A 522 24.60 10.88 -28.19
N LYS A 523 25.76 11.49 -28.42
CA LYS A 523 27.02 10.86 -28.01
C LYS A 523 27.10 10.76 -26.49
N ARG A 524 26.68 11.81 -25.77
CA ARG A 524 26.71 11.76 -24.32
C ARG A 524 25.75 10.70 -23.77
N ARG A 525 24.60 10.51 -24.43
CA ARG A 525 23.65 9.49 -23.99
C ARG A 525 24.22 8.09 -24.21
N LYS A 526 25.08 7.93 -25.21
CA LYS A 526 25.69 6.63 -25.45
C LYS A 526 26.76 6.29 -24.43
N GLU A 527 27.24 7.30 -23.69
CA GLU A 527 28.21 7.09 -22.62
C GLU A 527 27.57 7.05 -21.24
N TRP A 528 26.33 7.48 -21.11
CA TRP A 528 25.65 7.49 -19.81
C TRP A 528 25.28 6.07 -19.40
N LYS A 529 25.33 5.80 -18.10
CA LYS A 529 24.94 4.51 -17.58
C LYS A 529 24.03 4.71 -16.38
N ALA A 530 22.97 3.94 -16.32
CA ALA A 530 21.97 4.14 -15.28
C ALA A 530 22.54 3.67 -13.93
N PRO A 531 22.52 4.50 -12.90
CA PRO A 531 22.86 4.03 -11.57
C PRO A 531 21.81 3.06 -11.08
N PRO A 532 22.12 2.21 -10.11
CA PRO A 532 21.11 1.29 -9.58
C PRO A 532 20.01 2.04 -8.83
N LEU A 533 18.86 1.39 -8.72
CA LEU A 533 17.80 1.95 -7.89
C LEU A 533 18.31 2.11 -6.47
N ARG A 534 17.91 3.21 -5.84
CA ARG A 534 18.46 3.56 -4.52
C ARG A 534 18.13 2.50 -3.48
N TYR A 535 16.95 1.90 -3.55
CA TYR A 535 16.50 0.90 -2.60
C TYR A 535 16.25 -0.41 -3.33
N GLN A 536 16.95 -1.46 -2.91
CA GLN A 536 16.80 -2.78 -3.52
C GLN A 536 15.70 -3.60 -2.87
N LYS A 537 15.24 -3.21 -1.69
CA LYS A 537 14.15 -3.91 -1.03
C LYS A 537 13.21 -2.87 -0.42
N GLY A 538 11.99 -3.31 -0.15
CA GLY A 538 11.04 -2.51 0.60
C GLY A 538 10.08 -1.74 -0.29
N THR A 539 9.32 -0.84 0.36
CA THR A 539 8.28 -0.09 -0.32
C THR A 539 8.84 0.86 -1.37
N LEU A 540 10.01 1.44 -1.13
CA LEU A 540 10.59 2.35 -2.11
C LEU A 540 11.13 1.60 -3.33
N LYS A 541 11.57 0.36 -3.13
CA LYS A 541 11.96 -0.48 -4.27
C LYS A 541 10.76 -0.74 -5.19
N LYS A 542 9.60 -1.04 -4.61
CA LYS A 542 8.41 -1.27 -5.41
C LYS A 542 7.93 0.01 -6.07
N TYR A 543 7.96 1.13 -5.34
CA TYR A 543 7.51 2.41 -5.90
C TYR A 543 8.36 2.82 -7.09
N CYS A 544 9.69 2.72 -6.96
CA CYS A 544 10.58 3.05 -8.08
C CYS A 544 10.27 2.21 -9.31
N THR A 545 9.92 0.94 -9.10
CA THR A 545 9.68 0.03 -10.22
C THR A 545 8.45 0.45 -11.04
N LEU A 546 7.46 1.07 -10.41
CA LEU A 546 6.17 1.28 -11.03
C LEU A 546 5.87 2.72 -11.43
N VAL A 547 6.56 3.70 -10.84
CA VAL A 547 6.11 5.08 -10.94
C VAL A 547 6.37 5.63 -12.34
N SER A 548 5.40 6.37 -12.87
CA SER A 548 5.54 7.06 -14.15
C SER A 548 6.28 8.38 -13.95
N ASP A 549 6.53 9.09 -15.05
CA ASP A 549 7.21 10.36 -14.96
C ASP A 549 6.27 11.44 -14.41
N ALA A 550 6.86 12.60 -14.09
CA ALA A 550 6.10 13.68 -13.46
C ALA A 550 5.04 14.26 -14.39
N SER A 551 5.25 14.22 -15.71
CA SER A 551 4.26 14.73 -16.63
C SER A 551 2.98 13.89 -16.66
N HIS A 552 3.00 12.70 -16.08
CA HIS A 552 1.81 11.85 -15.98
C HIS A 552 1.30 11.74 -14.54
N GLY A 553 1.66 12.69 -13.69
CA GLY A 553 1.21 12.68 -12.31
C GLY A 553 1.88 11.66 -11.43
N CYS A 554 2.96 11.04 -11.90
CA CYS A 554 3.60 9.91 -11.22
C CYS A 554 2.58 8.89 -10.72
N VAL A 555 1.67 8.49 -11.62
CA VAL A 555 0.79 7.37 -11.32
C VAL A 555 1.57 6.06 -11.41
N THR A 556 1.17 5.08 -10.60
CA THR A 556 1.92 3.85 -10.46
C THR A 556 1.23 2.63 -11.05
N ASP A 557 0.01 2.77 -11.56
CA ASP A 557 -0.73 1.64 -12.11
C ASP A 557 -0.96 1.78 -13.62
N GLY A 558 -0.09 2.51 -14.31
CA GLY A 558 -0.20 2.64 -15.75
C GLY A 558 -1.14 3.76 -16.15
N PRO A 559 -0.58 4.87 -16.64
CA PRO A 559 -1.42 5.98 -17.09
C PRO A 559 -2.38 5.53 -18.19
N ILE A 560 -3.61 6.00 -18.11
CA ILE A 560 -4.64 5.63 -19.07
C ILE A 560 -4.32 6.23 -20.44
N ASP B 30 11.72 15.60 27.60
CA ASP B 30 10.61 15.46 26.67
C ASP B 30 11.03 14.78 25.37
N MET B 31 11.98 15.39 24.66
CA MET B 31 12.35 14.96 23.32
C MET B 31 13.71 14.23 23.28
N SER B 32 14.17 13.68 24.38
CA SER B 32 15.36 12.84 24.33
C SER B 32 15.06 11.39 24.67
N LYS B 33 13.82 11.04 24.81
CA LYS B 33 13.38 9.67 25.05
C LYS B 33 13.21 8.93 23.73
N PRO B 34 13.42 7.62 23.72
CA PRO B 34 13.14 6.84 22.50
C PRO B 34 11.65 6.90 22.16
N GLN B 35 11.36 6.92 20.86
CA GLN B 35 9.99 6.94 20.37
C GLN B 35 9.62 5.56 19.84
N VAL B 36 8.48 5.05 20.30
CA VAL B 36 8.05 3.68 20.02
C VAL B 36 6.78 3.74 19.19
N GLY B 37 6.88 3.34 17.92
CA GLY B 37 5.71 3.24 17.08
C GLY B 37 4.84 2.07 17.49
N ILE B 38 3.55 2.32 17.67
CA ILE B 38 2.59 1.30 18.06
C ILE B 38 1.62 1.13 16.90
N SER B 39 1.87 0.13 16.06
CA SER B 39 1.14 -0.07 14.81
C SER B 39 0.07 -1.14 15.01
N SER B 40 -1.20 -0.73 14.93
CA SER B 40 -2.32 -1.66 14.98
C SER B 40 -2.98 -1.76 13.61
N VAL B 41 -3.56 -2.93 13.35
CA VAL B 41 -4.40 -3.09 12.16
C VAL B 41 -5.80 -3.45 12.61
N TRP B 42 -6.57 -2.45 13.04
CA TRP B 42 -7.88 -2.68 13.64
C TRP B 42 -8.90 -1.75 13.01
N PHE B 43 -10.12 -2.25 12.81
CA PHE B 43 -11.23 -1.40 12.42
C PHE B 43 -12.55 -2.01 12.85
N GLU B 44 -13.45 -1.16 13.38
CA GLU B 44 -14.74 -1.61 13.91
C GLU B 44 -15.59 -2.27 12.85
N HIS B 53 -11.34 -4.89 24.35
CA HIS B 53 -10.58 -3.80 24.94
C HIS B 53 -9.72 -3.17 23.84
N ASP B 54 -9.16 -1.99 24.10
CA ASP B 54 -8.21 -1.37 23.18
C ASP B 54 -6.81 -1.75 23.68
N LEU B 55 -6.25 -2.81 23.11
CA LEU B 55 -4.91 -3.25 23.51
C LEU B 55 -3.85 -2.21 23.18
N SER B 56 -4.04 -1.47 22.08
CA SER B 56 -3.04 -0.47 21.69
C SER B 56 -2.94 0.64 22.74
N ALA B 57 -4.07 1.02 23.34
CA ALA B 57 -4.03 2.06 24.36
C ALA B 57 -3.30 1.60 25.61
N ILE B 58 -3.47 0.32 25.98
CA ILE B 58 -2.74 -0.22 27.13
C ILE B 58 -1.24 -0.23 26.85
N VAL B 59 -0.86 -0.59 25.62
CA VAL B 59 0.55 -0.54 25.23
C VAL B 59 1.08 0.89 25.33
N ARG B 60 0.28 1.86 24.87
CA ARG B 60 0.69 3.26 24.92
C ARG B 60 0.97 3.70 26.35
N ASP B 61 0.06 3.39 27.28
CA ASP B 61 0.24 3.82 28.66
C ASP B 61 1.43 3.11 29.31
N SER B 62 1.65 1.84 28.95
CA SER B 62 2.78 1.11 29.52
C SER B 62 4.10 1.63 28.96
N VAL B 63 4.13 1.92 27.65
CA VAL B 63 5.34 2.49 27.05
C VAL B 63 5.65 3.85 27.67
N HIS B 64 4.61 4.65 27.93
CA HIS B 64 4.81 5.93 28.58
C HIS B 64 5.34 5.78 30.00
N ARG B 65 4.79 4.83 30.75
CA ARG B 65 5.24 4.62 32.13
C ARG B 65 6.67 4.09 32.20
N ALA B 66 7.15 3.43 31.15
CA ALA B 66 8.53 2.95 31.11
C ALA B 66 9.51 4.03 30.69
N GLY B 67 9.06 5.27 30.51
CA GLY B 67 9.96 6.35 30.14
C GLY B 67 10.16 6.54 28.66
N LEU B 68 9.31 5.95 27.82
CA LEU B 68 9.42 6.08 26.38
C LEU B 68 8.24 6.87 25.84
N VAL B 69 8.34 7.28 24.57
CA VAL B 69 7.33 8.11 23.93
C VAL B 69 6.51 7.22 23.00
N PRO B 70 5.25 6.94 23.32
CA PRO B 70 4.42 6.10 22.43
C PRO B 70 3.86 6.90 21.28
N MET B 71 3.83 6.27 20.10
CA MET B 71 3.32 6.90 18.88
C MET B 71 2.43 5.88 18.17
N ARG B 72 1.13 5.95 18.46
CA ARG B 72 0.17 5.03 17.87
C ARG B 72 -0.16 5.44 16.44
N PHE B 73 -0.17 4.46 15.53
CA PHE B 73 -0.70 4.67 14.19
C PHE B 73 -1.34 3.38 13.72
N ASN B 74 -2.19 3.48 12.71
CA ASN B 74 -3.02 2.37 12.26
C ASN B 74 -2.78 2.09 10.78
N SER B 75 -2.97 0.82 10.41
CA SER B 75 -2.77 0.34 9.06
C SER B 75 -4.02 -0.41 8.60
N VAL B 76 -4.28 -0.37 7.30
CA VAL B 76 -5.34 -1.22 6.75
C VAL B 76 -4.92 -2.68 6.81
N GLY B 77 -5.90 -3.56 6.69
CA GLY B 77 -5.60 -4.98 6.67
C GLY B 77 -6.84 -5.81 6.43
N VAL B 78 -6.69 -7.11 6.65
CA VAL B 78 -7.78 -8.06 6.52
C VAL B 78 -8.57 -8.10 7.83
N SER B 79 -9.87 -8.38 7.73
CA SER B 79 -10.72 -8.53 8.91
C SER B 79 -11.56 -9.79 8.82
N LYS B 87 -14.63 -12.67 -4.68
CA LYS B 87 -13.84 -11.52 -5.15
C LYS B 87 -13.03 -10.85 -4.06
N GLY B 88 -13.61 -10.72 -2.86
CA GLY B 88 -12.86 -10.16 -1.75
C GLY B 88 -11.65 -10.99 -1.36
N MET B 89 -11.70 -12.31 -1.64
CA MET B 89 -10.55 -13.16 -1.37
C MET B 89 -9.34 -12.78 -2.23
N ARG B 90 -9.56 -12.10 -3.36
CA ARG B 90 -8.46 -11.72 -4.24
C ARG B 90 -7.62 -10.57 -3.67
N TYR B 91 -8.09 -9.92 -2.60
CA TYR B 91 -7.37 -8.84 -1.95
C TYR B 91 -6.63 -9.27 -0.69
N SER B 92 -6.75 -10.53 -0.28
CA SER B 92 -6.23 -10.94 1.02
C SER B 92 -4.70 -10.97 1.03
N LEU B 93 -4.11 -11.71 0.09
CA LEU B 93 -2.66 -11.87 0.10
C LEU B 93 -1.94 -10.54 -0.13
N GLN B 94 -2.47 -9.70 -1.03
CA GLN B 94 -1.83 -8.42 -1.29
C GLN B 94 -2.02 -7.43 -0.15
N SER B 95 -2.98 -7.68 0.75
CA SER B 95 -3.07 -6.86 1.95
C SER B 95 -1.85 -7.04 2.85
N ARG B 96 -1.25 -8.23 2.83
CA ARG B 96 0.00 -8.45 3.55
C ARG B 96 1.08 -7.49 3.09
N GLU B 97 1.14 -7.22 1.78
CA GLU B 97 2.11 -6.28 1.25
C GLU B 97 1.79 -4.85 1.67
N LEU B 98 0.50 -4.50 1.71
CA LEU B 98 0.11 -3.16 2.14
C LEU B 98 0.49 -2.91 3.59
N ILE B 99 0.38 -3.94 4.44
CA ILE B 99 0.77 -3.79 5.84
C ILE B 99 2.28 -3.60 5.95
N ALA B 100 3.05 -4.44 5.27
CA ALA B 100 4.50 -4.32 5.32
C ALA B 100 4.97 -2.98 4.77
N ASP B 101 4.38 -2.54 3.66
CA ASP B 101 4.77 -1.26 3.07
C ASP B 101 4.37 -0.09 3.96
N GLY B 102 3.13 -0.10 4.46
CA GLY B 102 2.66 1.02 5.25
C GLY B 102 3.42 1.20 6.54
N ILE B 103 3.65 0.10 7.27
CA ILE B 103 4.36 0.20 8.54
C ILE B 103 5.82 0.56 8.32
N GLU B 104 6.44 -0.03 7.28
CA GLU B 104 7.81 0.37 6.93
C GLU B 104 7.89 1.86 6.64
N THR B 105 6.91 2.40 5.90
CA THR B 105 6.92 3.81 5.55
C THR B 105 6.88 4.69 6.80
N VAL B 106 5.94 4.41 7.70
CA VAL B 106 5.80 5.23 8.90
C VAL B 106 7.00 5.05 9.83
N MET B 107 7.45 3.81 10.01
CA MET B 107 8.61 3.57 10.87
C MET B 107 9.85 4.30 10.35
N ASN B 108 9.99 4.43 9.03
CA ASN B 108 11.17 5.07 8.47
C ASN B 108 11.00 6.57 8.29
N ALA B 109 9.80 7.03 7.90
CA ALA B 109 9.58 8.46 7.73
C ALA B 109 9.74 9.21 9.05
N GLN B 110 9.11 8.70 10.10
CA GLN B 110 9.22 9.30 11.43
C GLN B 110 10.44 8.82 12.19
N TRP B 111 11.14 7.81 11.68
CA TRP B 111 12.27 7.16 12.34
C TRP B 111 11.99 6.91 13.83
N TYR B 112 11.00 6.06 14.07
CA TYR B 112 10.76 5.56 15.42
C TYR B 112 11.85 4.58 15.83
N ASP B 113 12.23 4.62 17.11
CA ASP B 113 13.33 3.80 17.59
C ASP B 113 12.94 2.35 17.82
N ALA B 114 11.65 2.08 17.99
CA ALA B 114 11.19 0.72 18.27
C ALA B 114 9.75 0.58 17.78
N ASN B 115 9.27 -0.66 17.78
CA ASN B 115 7.94 -0.96 17.27
C ASN B 115 7.23 -1.95 18.18
N VAL B 116 5.96 -1.67 18.47
CA VAL B 116 5.03 -2.65 19.01
C VAL B 116 3.89 -2.77 18.02
N SER B 117 3.60 -4.01 17.60
CA SER B 117 2.61 -4.26 16.56
C SER B 117 1.46 -5.06 17.13
N LEU B 118 0.23 -4.56 16.89
CA LEU B 118 -1.01 -5.23 17.25
C LEU B 118 -1.70 -5.65 15.95
N PRO B 119 -1.38 -6.82 15.41
CA PRO B 119 -1.99 -7.21 14.13
C PRO B 119 -3.48 -7.46 14.20
N GLY B 120 -4.02 -7.77 15.38
CA GLY B 120 -5.43 -8.08 15.51
C GLY B 120 -5.80 -9.42 14.90
N CYS B 121 -6.32 -9.40 13.68
CA CYS B 121 -6.70 -10.63 13.00
C CYS B 121 -5.46 -11.43 12.61
N ASP B 122 -5.57 -12.76 12.71
CA ASP B 122 -4.46 -13.65 12.38
C ASP B 122 -3.92 -13.39 10.97
N LYS B 123 -4.77 -12.96 10.05
CA LYS B 123 -4.36 -12.79 8.67
C LYS B 123 -3.44 -11.57 8.47
N ASN B 124 -3.32 -10.71 9.46
CA ASN B 124 -2.47 -9.53 9.37
C ASN B 124 -1.07 -9.75 9.95
N MET B 125 -0.80 -10.91 10.54
CA MET B 125 0.48 -11.15 11.21
C MET B 125 1.68 -11.19 10.27
N PRO B 126 1.61 -11.87 9.12
CA PRO B 126 2.83 -11.95 8.27
C PRO B 126 3.34 -10.61 7.80
N GLY B 127 2.47 -9.75 7.28
CA GLY B 127 2.91 -8.43 6.83
C GLY B 127 3.46 -7.58 7.96
N VAL B 128 2.97 -7.79 9.18
CA VAL B 128 3.49 -7.05 10.33
C VAL B 128 4.94 -7.42 10.61
N LEU B 129 5.26 -8.72 10.55
CA LEU B 129 6.63 -9.14 10.82
C LEU B 129 7.57 -8.80 9.66
N MET B 130 7.03 -8.76 8.43
CA MET B 130 7.87 -8.36 7.29
C MET B 130 8.35 -6.92 7.44
N ALA B 131 7.46 -6.04 7.91
CA ALA B 131 7.87 -4.66 8.19
C ALA B 131 8.96 -4.62 9.25
N MET B 132 8.87 -5.48 10.26
CA MET B 132 9.91 -5.55 11.28
C MET B 132 11.25 -5.95 10.66
N GLY B 133 11.23 -6.90 9.73
CA GLY B 133 12.47 -7.32 9.08
C GLY B 133 13.09 -6.25 8.22
N ARG B 134 12.27 -5.34 7.69
CA ARG B 134 12.80 -4.28 6.82
C ARG B 134 13.46 -3.18 7.64
N THR B 135 12.79 -2.68 8.67
CA THR B 135 13.38 -1.67 9.52
C THR B 135 14.56 -2.23 10.32
N ASN B 136 14.44 -3.49 10.75
CA ASN B 136 15.42 -4.12 11.64
C ASN B 136 15.68 -3.27 12.90
N ARG B 137 14.67 -2.58 13.34
CA ARG B 137 14.79 -1.94 14.64
C ARG B 137 14.00 -2.74 15.67
N PRO B 138 14.41 -2.69 16.95
CA PRO B 138 13.78 -3.54 17.97
C PRO B 138 12.26 -3.50 17.92
N SER B 139 11.63 -4.65 17.71
CA SER B 139 10.19 -4.73 17.54
C SER B 139 9.66 -5.97 18.24
N ILE B 140 8.36 -5.95 18.53
CA ILE B 140 7.70 -7.06 19.21
C ILE B 140 6.25 -7.10 18.74
N MET B 141 5.73 -8.31 18.56
CA MET B 141 4.34 -8.50 18.20
C MET B 141 3.54 -8.90 19.44
N VAL B 142 2.37 -8.29 19.60
CA VAL B 142 1.41 -8.68 20.61
C VAL B 142 0.23 -9.32 19.91
N TYR B 143 0.09 -10.64 20.08
CA TYR B 143 -1.03 -11.35 19.49
C TYR B 143 -2.34 -10.93 20.16
N GLY B 144 -3.39 -10.80 19.35
CA GLY B 144 -4.68 -10.41 19.89
C GLY B 144 -5.24 -11.41 20.88
N GLY B 145 -4.97 -12.69 20.67
CA GLY B 145 -5.48 -13.74 21.54
C GLY B 145 -6.37 -14.72 20.82
N SER B 146 -6.45 -15.95 21.34
CA SER B 146 -7.30 -16.96 20.74
C SER B 146 -8.77 -16.56 20.84
N ILE B 147 -9.53 -16.89 19.80
CA ILE B 147 -10.95 -16.54 19.75
C ILE B 147 -11.78 -17.78 19.46
N ALA B 200 -7.69 -24.30 11.79
CA ALA B 200 -6.55 -24.52 12.67
C ALA B 200 -5.39 -23.61 12.28
N ASN B 201 -5.32 -22.46 12.93
CA ASN B 201 -4.30 -21.46 12.63
C ASN B 201 -3.10 -21.67 13.55
N THR B 202 -1.96 -22.02 12.96
CA THR B 202 -0.76 -22.34 13.71
C THR B 202 0.28 -21.23 13.68
N LEU B 203 0.04 -20.16 12.93
CA LEU B 203 1.11 -19.18 12.67
C LEU B 203 1.42 -18.34 13.91
N ALA B 204 0.41 -18.05 14.73
CA ALA B 204 0.68 -17.30 15.96
C ALA B 204 1.59 -18.10 16.89
N THR B 205 1.38 -19.42 16.98
CA THR B 205 2.26 -20.27 17.76
C THR B 205 3.66 -20.29 17.18
N ALA B 206 3.78 -20.28 15.86
CA ALA B 206 5.10 -20.27 15.23
C ALA B 206 5.83 -18.95 15.46
N ILE B 207 5.08 -17.84 15.54
CA ILE B 207 5.72 -16.55 15.76
C ILE B 207 6.25 -16.44 17.18
N GLU B 208 5.49 -16.92 18.16
CA GLU B 208 6.02 -17.02 19.51
C GLU B 208 7.20 -17.97 19.58
N THR B 209 7.12 -19.10 18.85
CA THR B 209 8.22 -20.04 18.80
C THR B 209 9.51 -19.37 18.33
N MET B 210 9.41 -18.52 17.30
CA MET B 210 10.59 -17.83 16.77
C MET B 210 11.12 -16.76 17.71
N GLY B 211 10.37 -16.38 18.74
CA GLY B 211 10.87 -15.46 19.75
C GLY B 211 10.55 -14.00 19.53
N MET B 212 9.61 -13.68 18.64
CA MET B 212 9.16 -12.32 18.41
C MET B 212 8.00 -11.93 19.30
N THR B 213 7.78 -12.70 20.37
CA THR B 213 6.60 -12.56 21.20
C THR B 213 6.96 -12.94 22.63
N VAL B 214 6.25 -12.36 23.61
CA VAL B 214 6.45 -12.72 25.01
C VAL B 214 5.84 -14.10 25.25
N PRO B 215 6.30 -14.86 26.25
CA PRO B 215 5.73 -16.20 26.48
C PRO B 215 4.24 -16.15 26.76
N GLY B 216 3.49 -17.01 26.07
CA GLY B 216 2.07 -17.17 26.29
C GLY B 216 1.16 -16.30 25.43
N SER B 217 1.69 -15.23 24.84
CA SER B 217 0.89 -14.33 24.00
C SER B 217 0.04 -15.10 22.99
N SER B 218 0.64 -16.08 22.28
CA SER B 218 -0.05 -16.72 21.17
C SER B 218 -1.13 -17.69 21.60
N SER B 219 -1.12 -18.14 22.85
CA SER B 219 -2.11 -19.08 23.35
C SER B 219 -3.06 -18.48 24.37
N CYS B 220 -2.78 -17.27 24.84
CA CYS B 220 -3.68 -16.64 25.82
C CYS B 220 -4.95 -16.18 25.12
N PRO B 221 -6.13 -16.46 25.69
CA PRO B 221 -7.37 -16.09 25.02
C PRO B 221 -7.55 -14.57 25.01
N ALA B 222 -8.24 -14.09 23.98
CA ALA B 222 -8.46 -12.65 23.84
C ALA B 222 -9.27 -12.09 25.00
N ASP B 223 -10.27 -12.86 25.46
CA ASP B 223 -11.05 -12.44 26.63
C ASP B 223 -10.21 -12.32 27.89
N ASP B 224 -9.17 -13.15 28.02
CA ASP B 224 -8.53 -13.37 29.31
C ASP B 224 -7.91 -12.08 29.83
N PRO B 225 -8.02 -11.80 31.14
CA PRO B 225 -7.31 -10.64 31.71
C PRO B 225 -5.79 -10.69 31.55
N LYS B 226 -5.21 -11.88 31.34
CA LYS B 226 -3.77 -11.97 31.13
C LYS B 226 -3.34 -11.34 29.81
N LYS B 227 -4.25 -11.19 28.86
CA LYS B 227 -3.93 -10.43 27.65
C LYS B 227 -3.77 -8.95 27.98
N LEU B 228 -4.62 -8.42 28.87
CA LEU B 228 -4.44 -7.04 29.32
C LEU B 228 -3.12 -6.86 30.06
N VAL B 229 -2.76 -7.82 30.91
CA VAL B 229 -1.55 -7.67 31.72
C VAL B 229 -0.30 -7.76 30.85
N GLU B 230 -0.35 -8.55 29.77
CA GLU B 230 0.76 -8.58 28.82
C GLU B 230 1.02 -7.19 28.23
N CYS B 231 -0.05 -6.51 27.80
CA CYS B 231 0.11 -5.19 27.23
C CYS B 231 0.48 -4.15 28.28
N GLU B 232 0.06 -4.38 29.54
CA GLU B 232 0.44 -3.47 30.61
C GLU B 232 1.92 -3.54 30.95
N ASN B 233 2.60 -4.64 30.61
CA ASN B 233 4.00 -4.84 30.94
C ASN B 233 4.89 -4.93 29.70
N ILE B 234 4.39 -4.49 28.55
CA ILE B 234 5.22 -4.52 27.34
C ILE B 234 6.20 -3.36 27.30
N GLY B 235 5.95 -2.28 28.05
CA GLY B 235 6.87 -1.15 28.04
C GLY B 235 8.26 -1.52 28.50
N GLU B 236 8.35 -2.26 29.61
CA GLU B 236 9.65 -2.67 30.11
C GLU B 236 10.34 -3.65 29.18
N VAL B 237 9.56 -4.49 28.49
CA VAL B 237 10.14 -5.37 27.48
C VAL B 237 10.77 -4.56 26.35
N VAL B 238 10.07 -3.52 25.90
CA VAL B 238 10.61 -2.66 24.85
C VAL B 238 11.85 -1.92 25.35
N LYS B 239 11.81 -1.47 26.60
CA LYS B 239 12.96 -0.80 27.18
C LYS B 239 14.17 -1.72 27.23
N THR B 240 13.95 -2.99 27.56
CA THR B 240 15.05 -3.97 27.55
C THR B 240 15.56 -4.23 26.15
N MET B 241 14.65 -4.32 25.17
CA MET B 241 15.06 -4.53 23.78
C MET B 241 15.95 -3.40 23.29
N LEU B 242 15.60 -2.15 23.64
CA LEU B 242 16.42 -1.02 23.25
C LEU B 242 17.76 -1.01 23.98
N ARG B 243 17.75 -1.43 25.25
CA ARG B 243 18.98 -1.44 26.03
C ARG B 243 19.99 -2.46 25.49
N GLU B 244 19.51 -3.66 25.16
CA GLU B 244 20.39 -4.73 24.68
C GLU B 244 20.43 -4.82 23.16
N ASP B 245 19.75 -3.91 22.46
CA ASP B 245 19.74 -3.86 21.00
C ASP B 245 19.34 -5.22 20.40
N ILE B 246 18.15 -5.66 20.78
CA ILE B 246 17.60 -6.92 20.29
C ILE B 246 16.75 -6.59 19.05
N LYS B 247 17.30 -6.87 17.89
CA LYS B 247 16.70 -6.52 16.61
C LYS B 247 16.03 -7.72 15.98
N PRO B 248 15.06 -7.49 15.08
CA PRO B 248 14.36 -8.62 14.45
C PRO B 248 15.28 -9.60 13.74
N ARG B 249 16.39 -9.13 13.17
CA ARG B 249 17.31 -10.03 12.49
C ARG B 249 18.21 -10.79 13.44
N ASP B 250 18.35 -10.32 14.69
CA ASP B 250 19.04 -11.12 15.70
C ASP B 250 18.16 -12.28 16.14
N VAL B 251 16.84 -12.07 16.20
CA VAL B 251 15.93 -13.09 16.70
C VAL B 251 15.57 -14.08 15.59
N LEU B 252 15.22 -13.56 14.41
CA LEU B 252 14.73 -14.40 13.32
C LEU B 252 15.90 -14.98 12.53
N THR B 253 16.58 -15.93 13.17
CA THR B 253 17.68 -16.65 12.55
C THR B 253 17.15 -17.82 11.71
N ARG B 254 18.07 -18.47 11.00
CA ARG B 254 17.70 -19.66 10.24
C ARG B 254 17.14 -20.75 11.15
N GLN B 255 17.73 -20.90 12.34
CA GLN B 255 17.22 -21.89 13.28
C GLN B 255 15.86 -21.52 13.84
N ALA B 256 15.58 -20.21 13.95
CA ALA B 256 14.26 -19.79 14.40
C ALA B 256 13.18 -20.20 13.41
N PHE B 257 13.46 -20.06 12.11
CA PHE B 257 12.50 -20.52 11.11
C PHE B 257 12.43 -22.05 11.07
N GLU B 258 13.55 -22.73 11.34
CA GLU B 258 13.51 -24.19 11.47
C GLU B 258 12.59 -24.60 12.62
N ASN B 259 12.72 -23.93 13.77
CA ASN B 259 11.83 -24.20 14.89
C ASN B 259 10.37 -23.97 14.52
N ALA B 260 10.09 -22.87 13.79
CA ALA B 260 8.71 -22.55 13.43
C ALA B 260 8.12 -23.62 12.52
N MET B 261 8.90 -24.07 11.54
CA MET B 261 8.43 -25.10 10.61
C MET B 261 8.14 -26.41 11.35
N ILE B 262 8.94 -26.73 12.35
CA ILE B 262 8.74 -27.96 13.11
C ILE B 262 7.45 -27.88 13.93
N VAL B 263 7.26 -26.76 14.64
CA VAL B 263 6.07 -26.60 15.47
C VAL B 263 4.81 -26.64 14.63
N VAL B 264 4.83 -25.97 13.46
CA VAL B 264 3.69 -26.04 12.55
C VAL B 264 3.47 -27.47 12.09
N ASN B 265 4.56 -28.19 11.79
CA ASN B 265 4.45 -29.60 11.42
C ASN B 265 3.86 -30.42 12.56
N ILE B 266 4.30 -30.17 13.79
CA ILE B 266 3.80 -30.90 14.95
C ILE B 266 2.29 -30.69 15.08
N LEU B 267 1.81 -29.49 14.78
CA LEU B 267 0.42 -29.12 15.00
C LEU B 267 -0.50 -29.48 13.83
N GLY B 268 0.04 -30.03 12.73
CA GLY B 268 -0.80 -30.37 11.60
C GLY B 268 -0.30 -29.86 10.27
N GLY B 269 0.36 -28.70 10.28
CA GLY B 269 0.94 -28.16 9.07
C GLY B 269 0.00 -27.23 8.33
N SER B 270 0.50 -26.05 7.99
CA SER B 270 -0.24 -25.11 7.15
C SER B 270 0.40 -25.01 5.78
N THR B 271 -0.44 -24.97 4.74
CA THR B 271 0.06 -24.62 3.41
C THR B 271 0.28 -23.13 3.28
N ASN B 272 -0.48 -22.32 4.02
CA ASN B 272 -0.27 -20.87 4.03
C ASN B 272 1.02 -20.50 4.75
N ALA B 273 1.44 -21.31 5.73
CA ALA B 273 2.71 -21.05 6.41
C ALA B 273 3.88 -21.09 5.45
N VAL B 274 3.76 -21.86 4.36
CA VAL B 274 4.80 -21.87 3.34
C VAL B 274 4.95 -20.47 2.72
N LEU B 275 3.83 -19.88 2.30
CA LEU B 275 3.87 -18.54 1.72
C LEU B 275 4.42 -17.52 2.72
N HIS B 276 3.92 -17.54 3.94
CA HIS B 276 4.20 -16.46 4.88
C HIS B 276 5.60 -16.60 5.49
N LEU B 277 6.01 -17.81 5.85
CA LEU B 277 7.33 -17.97 6.46
C LEU B 277 8.45 -17.74 5.46
N ILE B 278 8.23 -18.07 4.19
CA ILE B 278 9.22 -17.75 3.16
C ILE B 278 9.36 -16.24 3.00
N ALA B 279 8.23 -15.53 2.98
CA ALA B 279 8.27 -14.08 2.83
C ALA B 279 8.85 -13.41 4.07
N ILE B 280 8.52 -13.91 5.26
CA ILE B 280 9.07 -13.33 6.48
C ILE B 280 10.58 -13.56 6.54
N ALA B 281 11.03 -14.77 6.19
CA ALA B 281 12.48 -15.03 6.13
C ALA B 281 13.15 -14.15 5.08
N ASP B 282 12.50 -13.96 3.93
CA ASP B 282 13.05 -13.09 2.90
C ASP B 282 13.23 -11.66 3.44
N SER B 283 12.31 -11.20 4.29
CA SER B 283 12.37 -9.84 4.80
C SER B 283 13.55 -9.62 5.75
N VAL B 284 14.10 -10.68 6.33
CA VAL B 284 15.25 -10.56 7.23
C VAL B 284 16.53 -11.06 6.56
N GLY B 285 16.49 -11.34 5.25
CA GLY B 285 17.68 -11.77 4.55
C GLY B 285 17.99 -13.24 4.64
N ILE B 286 17.00 -14.08 4.94
CA ILE B 286 17.19 -15.52 5.05
C ILE B 286 16.47 -16.18 3.88
N LYS B 287 17.22 -16.99 3.13
CA LYS B 287 16.65 -17.72 1.99
C LYS B 287 15.97 -18.98 2.50
N LEU B 288 14.65 -19.04 2.36
CA LEU B 288 13.85 -20.19 2.78
C LEU B 288 13.10 -20.70 1.57
N THR B 289 13.26 -21.98 1.27
CA THR B 289 12.71 -22.59 0.07
C THR B 289 11.62 -23.60 0.45
N ILE B 290 10.86 -24.01 -0.56
CA ILE B 290 9.83 -25.02 -0.34
C ILE B 290 10.45 -26.35 0.04
N ASP B 291 11.68 -26.61 -0.39
CA ASP B 291 12.33 -27.87 -0.06
C ASP B 291 12.73 -27.91 1.42
N ASP B 292 12.96 -26.75 2.04
CA ASP B 292 13.17 -26.71 3.48
C ASP B 292 11.93 -27.19 4.23
N PHE B 293 10.75 -26.94 3.68
CA PHE B 293 9.52 -27.44 4.31
C PHE B 293 9.41 -28.95 4.16
N GLN B 294 9.79 -29.49 3.00
CA GLN B 294 9.78 -30.93 2.80
C GLN B 294 10.73 -31.63 3.77
N ALA B 295 11.91 -31.05 3.99
CA ALA B 295 12.88 -31.68 4.88
C ALA B 295 12.34 -31.78 6.30
N VAL B 296 11.66 -30.75 6.79
CA VAL B 296 11.06 -30.80 8.11
C VAL B 296 9.96 -31.86 8.15
N SER B 297 9.13 -31.91 7.12
CA SER B 297 8.01 -32.85 7.11
C SER B 297 8.48 -34.30 7.06
N ASP B 298 9.67 -34.56 6.51
CA ASP B 298 10.18 -35.93 6.46
C ASP B 298 10.64 -36.42 7.82
N LYS B 299 11.18 -35.53 8.65
CA LYS B 299 11.80 -35.91 9.92
C LYS B 299 10.94 -35.61 11.14
N THR B 300 9.79 -34.97 10.97
CA THR B 300 9.01 -34.48 12.10
C THR B 300 7.62 -35.13 12.10
N PRO B 301 7.16 -35.62 13.24
CA PRO B 301 5.84 -36.25 13.31
C PRO B 301 4.72 -35.25 13.54
N PHE B 302 3.49 -35.76 13.42
CA PHE B 302 2.27 -35.00 13.66
C PHE B 302 1.64 -35.49 14.96
N LEU B 303 1.52 -34.60 15.94
CA LEU B 303 1.15 -34.99 17.30
C LEU B 303 -0.13 -34.35 17.82
N ALA B 304 -0.64 -33.31 17.18
CA ALA B 304 -1.78 -32.55 17.72
C ALA B 304 -3.09 -33.21 17.29
N ASP B 305 -3.91 -33.58 18.27
CA ASP B 305 -5.22 -34.17 18.00
C ASP B 305 -6.22 -33.02 17.83
N LEU B 306 -6.21 -32.44 16.62
CA LEU B 306 -6.90 -31.20 16.34
C LEU B 306 -7.90 -31.38 15.21
N LYS B 307 -8.97 -30.59 15.26
CA LYS B 307 -10.01 -30.61 14.24
C LYS B 307 -9.46 -29.98 12.96
N PRO B 308 -10.13 -30.21 11.80
CA PRO B 308 -11.44 -30.82 11.52
C PRO B 308 -11.51 -32.33 11.71
N SER B 309 -10.37 -33.02 11.63
CA SER B 309 -10.34 -34.47 11.67
C SER B 309 -10.04 -35.02 13.06
N GLY B 310 -9.72 -34.15 14.03
CA GLY B 310 -9.48 -34.57 15.39
C GLY B 310 -10.58 -34.15 16.33
N LYS B 311 -10.25 -34.05 17.61
CA LYS B 311 -11.22 -33.71 18.63
C LYS B 311 -11.14 -32.28 19.13
N TYR B 312 -9.94 -31.72 19.23
CA TYR B 312 -9.74 -30.48 19.96
C TYR B 312 -9.49 -29.30 19.01
N LEU B 313 -9.52 -28.11 19.59
CA LEU B 313 -9.21 -26.86 18.92
C LEU B 313 -7.93 -26.29 19.51
N MET B 314 -7.32 -25.36 18.77
CA MET B 314 -6.10 -24.70 19.25
C MET B 314 -6.36 -23.95 20.55
N ASN B 315 -7.57 -23.43 20.74
CA ASN B 315 -7.92 -22.77 21.99
C ASN B 315 -7.82 -23.70 23.20
N ASP B 316 -7.94 -25.02 23.00
CA ASP B 316 -7.87 -25.96 24.11
C ASP B 316 -6.47 -26.11 24.68
N LEU B 317 -5.44 -25.67 23.95
CA LEU B 317 -4.08 -25.82 24.43
C LEU B 317 -3.78 -24.90 25.61
N TYR B 318 -4.47 -23.76 25.69
CA TYR B 318 -4.21 -22.81 26.77
C TYR B 318 -4.37 -23.45 28.14
N ASN B 319 -5.36 -24.32 28.31
CA ASN B 319 -5.65 -24.89 29.62
C ASN B 319 -4.70 -26.00 30.01
N ILE B 320 -3.90 -26.53 29.08
CA ILE B 320 -2.90 -27.53 29.41
C ILE B 320 -1.49 -26.94 29.41
N GLY B 321 -1.39 -25.61 29.49
CA GLY B 321 -0.11 -24.94 29.57
C GLY B 321 0.23 -24.07 28.38
N GLY B 322 -0.55 -24.13 27.31
CA GLY B 322 -0.35 -23.22 26.20
C GLY B 322 0.93 -23.49 25.42
N THR B 323 1.33 -22.48 24.65
CA THR B 323 2.54 -22.59 23.83
C THR B 323 3.81 -22.82 24.66
N PRO B 324 4.04 -22.14 25.78
CA PRO B 324 5.25 -22.46 26.57
C PRO B 324 5.34 -23.92 26.98
N ALA B 325 4.23 -24.52 27.41
CA ALA B 325 4.26 -25.94 27.76
C ALA B 325 4.57 -26.80 26.55
N LEU B 326 4.04 -26.44 25.38
CA LEU B 326 4.34 -27.18 24.16
C LEU B 326 5.82 -27.07 23.81
N LEU B 327 6.40 -25.88 23.95
CA LEU B 327 7.82 -25.70 23.68
C LEU B 327 8.66 -26.44 24.70
N LYS B 328 8.23 -26.46 25.97
CA LYS B 328 8.93 -27.25 26.98
C LYS B 328 8.97 -28.72 26.59
N TYR B 329 7.86 -29.26 26.11
CA TYR B 329 7.83 -30.67 25.70
C TYR B 329 8.73 -30.92 24.51
N LEU B 330 8.66 -30.05 23.49
CA LEU B 330 9.49 -30.25 22.31
C LEU B 330 10.96 -30.05 22.61
N LEU B 331 11.31 -29.19 23.56
CA LEU B 331 12.69 -29.07 24.00
C LEU B 331 13.16 -30.34 24.70
N LYS B 332 12.33 -30.86 25.61
CA LYS B 332 12.68 -32.08 26.33
C LYS B 332 12.87 -33.25 25.37
N GLU B 333 12.06 -33.30 24.30
CA GLU B 333 12.18 -34.37 23.32
C GLU B 333 13.29 -34.12 22.31
N GLY B 334 13.96 -32.98 22.37
CA GLY B 334 15.08 -32.71 21.49
C GLY B 334 14.73 -32.34 20.07
N LEU B 335 13.49 -31.92 19.82
CA LEU B 335 13.05 -31.64 18.46
C LEU B 335 13.26 -30.20 18.04
N ILE B 336 13.45 -29.27 18.97
CA ILE B 336 13.68 -27.87 18.64
C ILE B 336 14.84 -27.34 19.47
N ASP B 337 15.45 -26.27 18.97
CA ASP B 337 16.59 -25.62 19.61
C ASP B 337 16.11 -24.45 20.46
N GLY B 338 16.49 -24.45 21.73
CA GLY B 338 16.09 -23.42 22.67
C GLY B 338 17.15 -22.40 23.02
N SER B 339 18.25 -22.34 22.27
CA SER B 339 19.36 -21.45 22.60
C SER B 339 19.26 -20.10 21.92
N GLY B 340 18.19 -19.82 21.19
CA GLY B 340 18.07 -18.58 20.44
C GLY B 340 17.50 -17.45 21.28
N ILE B 341 18.08 -16.26 21.10
CA ILE B 341 17.63 -15.09 21.83
C ILE B 341 16.23 -14.69 21.36
N THR B 342 15.46 -14.09 22.26
CA THR B 342 14.10 -13.64 21.98
C THR B 342 13.97 -12.17 22.37
N VAL B 343 12.76 -11.64 22.19
CA VAL B 343 12.50 -10.24 22.50
C VAL B 343 12.55 -9.94 24.00
N THR B 344 12.53 -10.97 24.85
CA THR B 344 12.62 -10.77 26.29
C THR B 344 14.05 -10.53 26.76
N GLY B 345 15.04 -10.71 25.90
CA GLY B 345 16.43 -10.68 26.30
C GLY B 345 16.99 -12.02 26.73
N LYS B 346 16.15 -13.04 26.86
CA LYS B 346 16.57 -14.38 27.25
C LYS B 346 16.34 -15.35 26.11
N THR B 347 16.95 -16.53 26.23
CA THR B 347 16.73 -17.58 25.24
C THR B 347 15.36 -18.22 25.45
N MET B 348 14.96 -19.06 24.50
CA MET B 348 13.69 -19.76 24.63
C MET B 348 13.70 -20.68 25.84
N LYS B 349 14.79 -21.45 26.01
CA LYS B 349 14.93 -22.30 27.19
C LYS B 349 14.74 -21.51 28.48
N GLU B 350 15.38 -20.34 28.58
CA GLU B 350 15.25 -19.52 29.78
C GLU B 350 13.85 -18.95 29.94
N ASN B 351 13.18 -18.64 28.83
CA ASN B 351 11.83 -18.07 28.91
C ASN B 351 10.85 -19.07 29.51
N VAL B 352 10.89 -20.33 29.06
CA VAL B 352 9.87 -21.31 29.41
C VAL B 352 10.21 -22.13 30.65
N ALA B 353 11.38 -21.91 31.25
CA ALA B 353 11.77 -22.69 32.42
C ALA B 353 10.79 -22.49 33.57
N SER B 354 10.32 -21.26 33.78
CA SER B 354 9.42 -20.96 34.88
C SER B 354 7.97 -21.34 34.59
N TRP B 355 7.65 -21.76 33.35
CA TRP B 355 6.26 -22.08 33.03
C TRP B 355 5.97 -23.55 33.33
N PRO B 356 4.72 -23.89 33.61
CA PRO B 356 4.37 -25.29 33.93
C PRO B 356 4.35 -26.17 32.69
N ASP B 357 4.58 -27.46 32.93
CA ASP B 357 4.57 -28.47 31.88
C ASP B 357 3.14 -28.87 31.54
N PHE B 358 3.01 -29.77 30.58
CA PHE B 358 1.72 -30.37 30.27
C PHE B 358 1.19 -31.13 31.50
N PRO B 359 -0.12 -31.13 31.73
CA PRO B 359 -0.69 -32.06 32.71
C PRO B 359 -0.50 -33.50 32.25
N SER B 360 -0.35 -34.39 33.22
CA SER B 360 0.01 -35.77 32.90
C SER B 360 -1.03 -36.48 32.02
N ASP B 361 -2.31 -36.16 32.20
CA ASP B 361 -3.38 -36.84 31.48
C ASP B 361 -3.86 -36.07 30.24
N GLN B 362 -2.99 -35.27 29.62
CA GLN B 362 -3.42 -34.50 28.46
C GLN B 362 -3.30 -35.36 27.22
N ASP B 363 -4.34 -35.34 26.38
CA ASP B 363 -4.37 -36.11 25.14
C ASP B 363 -4.54 -35.22 23.92
N ILE B 364 -4.21 -33.92 24.03
CA ILE B 364 -4.28 -33.04 22.86
C ILE B 364 -3.01 -33.19 22.04
N ILE B 365 -1.85 -33.18 22.70
CA ILE B 365 -0.56 -33.41 22.05
C ILE B 365 -0.13 -34.84 22.37
N ARG B 366 -0.05 -35.67 21.33
CA ARG B 366 0.37 -37.05 21.52
C ARG B 366 1.82 -37.11 21.99
N PRO B 367 2.21 -38.16 22.70
CA PRO B 367 3.63 -38.37 22.99
C PRO B 367 4.37 -38.78 21.73
N LEU B 368 5.70 -38.59 21.76
CA LEU B 368 6.52 -39.01 20.64
C LEU B 368 6.41 -40.51 20.40
N SER B 369 6.23 -41.29 21.46
CA SER B 369 5.97 -42.72 21.33
C SER B 369 4.85 -43.01 20.33
N ASN B 370 3.74 -42.27 20.43
CA ASN B 370 2.50 -42.61 19.75
C ASN B 370 2.00 -41.43 18.93
N PRO B 371 2.68 -41.11 17.83
CA PRO B 371 2.24 -39.99 17.00
C PRO B 371 1.03 -40.34 16.14
N ILE B 372 0.28 -39.30 15.77
CA ILE B 372 -0.84 -39.50 14.86
C ILE B 372 -0.34 -39.91 13.49
N LYS B 373 0.80 -39.35 13.06
CA LYS B 373 1.48 -39.77 11.84
C LYS B 373 2.96 -39.55 12.06
N PRO B 374 3.83 -40.49 11.67
CA PRO B 374 5.26 -40.34 11.94
C PRO B 374 5.93 -39.26 11.10
N SER B 375 5.31 -38.79 10.03
CA SER B 375 5.85 -37.72 9.21
C SER B 375 4.78 -36.66 9.02
N GLY B 376 5.18 -35.55 8.38
CA GLY B 376 4.31 -34.41 8.27
C GLY B 376 3.27 -34.54 7.18
N HIS B 377 2.18 -33.78 7.36
CA HIS B 377 1.13 -33.71 6.35
C HIS B 377 1.63 -33.04 5.08
N LEU B 378 2.47 -32.02 5.23
CA LEU B 378 2.82 -31.14 4.12
C LEU B 378 3.82 -31.82 3.19
N GLN B 379 3.46 -31.87 1.90
CA GLN B 379 4.31 -32.46 0.87
C GLN B 379 4.50 -31.45 -0.25
N ILE B 380 5.72 -31.37 -0.76
CA ILE B 380 6.05 -30.53 -1.89
C ILE B 380 6.15 -31.43 -3.12
N LEU B 381 5.37 -31.12 -4.15
CA LEU B 381 5.31 -31.94 -5.35
C LEU B 381 5.77 -31.13 -6.55
N ARG B 382 6.51 -31.79 -7.44
CA ARG B 382 6.95 -31.17 -8.69
C ARG B 382 6.30 -31.94 -9.82
N GLY B 383 7.07 -32.45 -10.77
CA GLY B 383 6.51 -33.15 -11.91
C GLY B 383 6.34 -32.25 -13.11
N SER B 384 5.92 -32.86 -14.22
CA SER B 384 5.82 -32.14 -15.48
C SER B 384 4.71 -31.11 -15.50
N LEU B 385 3.69 -31.26 -14.65
CA LEU B 385 2.62 -30.27 -14.59
C LEU B 385 2.95 -29.12 -13.64
N ALA B 386 3.76 -29.36 -12.62
CA ALA B 386 4.17 -28.33 -11.66
C ALA B 386 5.69 -28.35 -11.50
N PRO B 387 6.45 -28.03 -12.56
CA PRO B 387 7.90 -28.13 -12.47
C PRO B 387 8.52 -27.15 -11.48
N GLY B 388 7.86 -26.03 -11.21
CA GLY B 388 8.36 -25.08 -10.24
C GLY B 388 7.94 -25.35 -8.82
N GLY B 389 7.17 -26.41 -8.59
CA GLY B 389 6.75 -26.80 -7.26
C GLY B 389 5.25 -26.66 -7.08
N SER B 390 4.77 -27.28 -6.01
CA SER B 390 3.36 -27.26 -5.63
C SER B 390 3.25 -27.74 -4.20
N VAL B 391 2.10 -27.47 -3.60
CA VAL B 391 1.90 -27.68 -2.17
C VAL B 391 0.57 -28.40 -1.94
N GLY B 392 0.59 -29.43 -1.10
CA GLY B 392 -0.63 -30.13 -0.74
C GLY B 392 -0.47 -30.80 0.61
N LYS B 393 -1.55 -30.84 1.37
CA LYS B 393 -1.56 -31.56 2.64
C LYS B 393 -2.06 -32.98 2.40
N ILE B 394 -1.21 -33.96 2.73
CA ILE B 394 -1.41 -35.35 2.37
C ILE B 394 -1.47 -36.18 3.65
N THR B 395 -2.66 -36.69 3.97
CA THR B 395 -2.82 -37.51 5.17
C THR B 395 -2.34 -38.94 4.98
N GLY B 396 -2.50 -39.50 3.77
CA GLY B 396 -2.19 -40.87 3.47
C GLY B 396 -3.39 -41.75 3.20
N LYS B 397 -4.56 -41.40 3.73
CA LYS B 397 -5.77 -42.18 3.47
C LYS B 397 -6.50 -41.75 2.21
N GLU B 398 -6.02 -40.71 1.51
CA GLU B 398 -6.53 -40.47 0.17
C GLU B 398 -6.10 -41.55 -0.80
N GLY B 399 -5.19 -42.42 -0.38
CA GLY B 399 -4.37 -43.24 -1.24
C GLY B 399 -3.30 -42.30 -1.75
N LEU B 400 -2.13 -42.80 -2.11
CA LEU B 400 -1.03 -41.90 -2.44
C LEU B 400 -0.65 -41.95 -3.91
N ARG B 401 -1.53 -42.48 -4.76
CA ARG B 401 -1.38 -42.30 -6.20
C ARG B 401 -2.77 -42.16 -6.79
N PHE B 402 -2.93 -41.17 -7.67
CA PHE B 402 -4.21 -40.88 -8.32
C PHE B 402 -3.96 -40.59 -9.78
N GLU B 403 -4.45 -41.47 -10.65
CA GLU B 403 -4.43 -41.27 -12.10
C GLU B 403 -5.84 -41.03 -12.61
N GLY B 404 -5.99 -40.03 -13.46
CA GLY B 404 -7.32 -39.67 -13.93
C GLY B 404 -7.27 -38.84 -15.18
N THR B 405 -8.45 -38.55 -15.71
CA THR B 405 -8.62 -37.74 -16.91
C THR B 405 -8.83 -36.28 -16.51
N ALA B 406 -8.16 -35.38 -17.23
CA ALA B 406 -8.19 -33.96 -16.89
C ALA B 406 -9.48 -33.30 -17.37
N LYS B 407 -10.03 -32.44 -16.51
CA LYS B 407 -11.10 -31.51 -16.88
C LYS B 407 -10.70 -30.15 -16.33
N CYS B 408 -10.57 -29.17 -17.22
CA CYS B 408 -9.92 -27.91 -16.92
C CYS B 408 -10.93 -26.78 -16.85
N TYR B 409 -10.70 -25.84 -15.93
CA TYR B 409 -11.58 -24.68 -15.77
C TYR B 409 -10.72 -23.45 -15.52
N ASP B 410 -11.04 -22.36 -16.20
CA ASP B 410 -10.24 -21.15 -16.15
C ASP B 410 -10.70 -20.18 -15.05
N TYR B 411 -11.70 -20.55 -14.27
CA TYR B 411 -12.07 -19.80 -13.09
C TYR B 411 -12.90 -20.70 -12.17
N GLU B 412 -13.04 -20.28 -10.91
CA GLU B 412 -13.67 -21.13 -9.91
C GLU B 412 -15.10 -21.49 -10.28
N ASP B 413 -15.90 -20.49 -10.65
CA ASP B 413 -17.32 -20.74 -10.91
C ASP B 413 -17.51 -21.68 -12.09
N ALA B 414 -16.58 -21.67 -13.05
CA ALA B 414 -16.69 -22.57 -14.19
C ALA B 414 -16.73 -24.02 -13.73
N PHE B 415 -15.96 -24.37 -12.70
CA PHE B 415 -16.00 -25.72 -12.17
C PHE B 415 -17.29 -25.95 -11.38
N ILE B 416 -17.64 -25.02 -10.50
CA ILE B 416 -18.87 -25.16 -9.72
C ILE B 416 -20.07 -25.22 -10.65
N GLU B 417 -20.03 -24.49 -11.76
CA GLU B 417 -21.15 -24.50 -12.68
C GLU B 417 -21.21 -25.78 -13.48
N SER B 418 -20.04 -26.35 -13.81
CA SER B 418 -20.00 -27.62 -14.50
C SER B 418 -20.36 -28.79 -13.59
N LEU B 419 -19.99 -28.72 -12.31
CA LEU B 419 -20.32 -29.79 -11.38
C LEU B 419 -21.83 -29.90 -11.16
N GLU B 420 -22.50 -28.76 -10.95
CA GLU B 420 -23.93 -28.79 -10.67
C GLU B 420 -24.73 -29.32 -11.86
N ARG B 421 -24.17 -29.30 -13.06
CA ARG B 421 -24.86 -29.83 -14.22
C ARG B 421 -24.56 -31.31 -14.45
N GLY B 422 -23.84 -31.94 -13.53
CA GLY B 422 -23.56 -33.36 -13.64
C GLY B 422 -22.59 -33.75 -14.74
N GLU B 423 -21.66 -32.86 -15.09
CA GLU B 423 -20.67 -33.18 -16.12
C GLU B 423 -19.50 -34.01 -15.61
N ILE B 424 -19.41 -34.22 -14.30
CA ILE B 424 -18.35 -35.03 -13.69
C ILE B 424 -18.96 -36.31 -13.16
N LYS B 425 -18.42 -37.45 -13.59
CA LYS B 425 -19.06 -38.74 -13.39
C LYS B 425 -18.40 -39.53 -12.27
N LYS B 426 -19.23 -40.21 -11.48
CA LYS B 426 -18.75 -41.21 -10.55
C LYS B 426 -18.29 -42.44 -11.33
N GLY B 427 -17.42 -43.24 -10.71
CA GLY B 427 -16.80 -44.34 -11.41
C GLY B 427 -15.65 -43.91 -12.32
N GLU B 428 -15.64 -42.65 -12.74
CA GLU B 428 -14.53 -42.07 -13.49
C GLU B 428 -13.51 -41.51 -12.52
N LYS B 429 -12.24 -41.64 -12.87
CA LYS B 429 -11.17 -40.94 -12.17
C LYS B 429 -10.95 -39.62 -12.92
N THR B 430 -11.30 -38.51 -12.27
CA THR B 430 -11.24 -37.20 -12.90
C THR B 430 -10.27 -36.30 -12.13
N VAL B 431 -9.39 -35.64 -12.86
CA VAL B 431 -8.46 -34.66 -12.31
C VAL B 431 -8.98 -33.28 -12.69
N VAL B 432 -9.47 -32.54 -11.71
CA VAL B 432 -10.04 -31.22 -11.95
C VAL B 432 -8.94 -30.18 -11.80
N ILE B 433 -8.72 -29.39 -12.85
CA ILE B 433 -7.78 -28.27 -12.83
C ILE B 433 -8.59 -26.98 -12.81
N ILE B 434 -8.44 -26.22 -11.73
CA ILE B 434 -8.95 -24.86 -11.66
C ILE B 434 -7.75 -23.93 -11.76
N ARG B 435 -7.58 -23.30 -12.92
CA ARG B 435 -6.38 -22.53 -13.22
C ARG B 435 -6.75 -21.06 -13.39
N TYR B 436 -5.72 -20.25 -13.64
CA TYR B 436 -5.83 -18.80 -13.71
C TYR B 436 -6.34 -18.22 -12.39
N GLU B 437 -5.96 -18.87 -11.28
CA GLU B 437 -6.26 -18.40 -9.94
C GLU B 437 -4.99 -18.16 -9.13
N GLY B 438 -3.84 -18.06 -9.81
CA GLY B 438 -2.56 -17.93 -9.15
C GLY B 438 -2.30 -16.52 -8.67
N PRO B 439 -1.05 -16.22 -8.34
CA PRO B 439 -0.72 -14.86 -7.86
C PRO B 439 -1.10 -13.76 -8.84
N LYS B 440 -0.85 -13.97 -10.14
CA LYS B 440 -1.21 -12.99 -11.16
C LYS B 440 -2.54 -13.29 -11.83
N GLY B 441 -2.93 -14.56 -11.92
CA GLY B 441 -4.16 -14.93 -12.58
C GLY B 441 -5.41 -14.64 -11.78
N GLY B 442 -5.34 -14.89 -10.46
CA GLY B 442 -6.46 -14.68 -9.57
C GLY B 442 -7.08 -13.30 -9.66
N PRO B 443 -6.34 -12.26 -9.26
CA PRO B 443 -5.00 -12.31 -8.67
C PRO B 443 -5.01 -12.57 -7.17
N GLY B 444 -3.82 -12.68 -6.58
CA GLY B 444 -3.70 -12.81 -5.15
C GLY B 444 -3.94 -14.19 -4.58
N MET B 445 -4.00 -15.21 -5.42
CA MET B 445 -4.19 -16.60 -4.98
C MET B 445 -5.39 -16.73 -4.04
N PRO B 446 -6.58 -16.36 -4.48
CA PRO B 446 -7.73 -16.35 -3.55
C PRO B 446 -8.03 -17.76 -3.03
N GLU B 447 -8.22 -17.86 -1.72
CA GLU B 447 -8.50 -19.15 -1.11
C GLU B 447 -9.91 -19.60 -1.50
N MET B 448 -9.98 -20.72 -2.20
CA MET B 448 -11.24 -21.25 -2.70
C MET B 448 -11.75 -22.32 -1.74
N LEU B 449 -12.90 -22.05 -1.12
CA LEU B 449 -13.53 -22.98 -0.18
C LEU B 449 -14.55 -23.88 -0.85
N LYS B 450 -15.14 -23.41 -1.94
CA LYS B 450 -16.29 -24.09 -2.52
C LYS B 450 -15.95 -25.32 -3.36
N PRO B 451 -14.78 -25.39 -4.03
CA PRO B 451 -14.52 -26.60 -4.83
C PRO B 451 -14.43 -27.89 -4.02
N SER B 452 -13.74 -27.87 -2.88
CA SER B 452 -13.64 -29.08 -2.08
C SER B 452 -14.97 -29.40 -1.38
N ALA B 453 -15.68 -28.37 -0.93
CA ALA B 453 -16.97 -28.59 -0.29
C ALA B 453 -18.00 -29.11 -1.28
N ALA B 454 -18.01 -28.57 -2.51
CA ALA B 454 -18.99 -29.00 -3.50
C ALA B 454 -18.76 -30.43 -3.97
N ILE B 455 -17.54 -30.95 -3.83
CA ILE B 455 -17.28 -32.32 -4.24
C ILE B 455 -17.76 -33.30 -3.18
N MET B 456 -17.67 -32.92 -1.90
CA MET B 456 -18.24 -33.75 -0.86
C MET B 456 -19.77 -33.79 -0.96
N GLY B 457 -20.37 -32.65 -1.31
CA GLY B 457 -21.81 -32.56 -1.49
C GLY B 457 -22.36 -33.34 -2.66
N ALA B 458 -21.49 -33.86 -3.53
CA ALA B 458 -21.90 -34.71 -4.63
C ALA B 458 -21.40 -36.14 -4.49
N GLY B 459 -20.74 -36.47 -3.39
CA GLY B 459 -20.22 -37.80 -3.16
C GLY B 459 -19.15 -38.18 -4.18
N LEU B 460 -18.23 -37.26 -4.43
CA LEU B 460 -17.16 -37.46 -5.41
C LEU B 460 -15.76 -37.41 -4.80
N GLY B 461 -15.65 -37.44 -3.48
CA GLY B 461 -14.36 -37.27 -2.83
C GLY B 461 -13.36 -38.35 -3.14
N GLN B 462 -13.81 -39.50 -3.64
CA GLN B 462 -12.92 -40.60 -3.98
C GLN B 462 -12.65 -40.73 -5.47
N ASP B 463 -13.36 -40.00 -6.31
CA ASP B 463 -13.19 -40.08 -7.75
C ASP B 463 -12.60 -38.82 -8.38
N VAL B 464 -12.39 -37.76 -7.60
CA VAL B 464 -12.01 -36.46 -8.15
C VAL B 464 -10.84 -35.90 -7.35
N ALA B 465 -9.75 -35.58 -8.05
CA ALA B 465 -8.63 -34.85 -7.47
C ALA B 465 -8.67 -33.40 -7.93
N LEU B 466 -8.25 -32.50 -7.05
CA LEU B 466 -8.32 -31.06 -7.30
C LEU B 466 -6.92 -30.47 -7.41
N LEU B 467 -6.68 -29.74 -8.49
CA LEU B 467 -5.40 -29.06 -8.73
C LEU B 467 -5.68 -27.60 -9.05
N THR B 468 -4.81 -26.71 -8.55
CA THR B 468 -4.95 -25.30 -8.84
C THR B 468 -3.59 -24.62 -8.72
N ASP B 469 -3.43 -23.53 -9.46
CA ASP B 469 -2.31 -22.63 -9.23
C ASP B 469 -2.59 -21.63 -8.12
N GLY B 470 -3.79 -21.67 -7.53
CA GLY B 470 -4.12 -20.83 -6.40
C GLY B 470 -4.12 -21.60 -5.09
N ARG B 471 -5.16 -21.43 -4.27
CA ARG B 471 -5.21 -22.06 -2.96
C ARG B 471 -6.58 -22.70 -2.74
N PHE B 472 -6.58 -23.88 -2.12
CA PHE B 472 -7.78 -24.47 -1.56
C PHE B 472 -7.73 -24.39 -0.03
N SER B 473 -8.89 -24.52 0.59
CA SER B 473 -8.99 -24.57 2.04
C SER B 473 -10.07 -25.57 2.43
N GLY B 474 -9.86 -26.25 3.56
CA GLY B 474 -10.87 -27.15 4.07
C GLY B 474 -10.53 -28.63 4.05
N GLY B 475 -10.09 -29.14 2.91
CA GLY B 475 -9.81 -30.56 2.81
C GLY B 475 -10.97 -31.32 2.21
N SER B 476 -10.65 -32.37 1.45
CA SER B 476 -11.68 -33.19 0.81
C SER B 476 -11.45 -34.69 1.01
N HIS B 477 -10.49 -35.09 1.84
CA HIS B 477 -10.15 -36.50 2.07
C HIS B 477 -9.53 -37.11 0.82
N GLY B 478 -9.56 -36.37 -0.29
CA GLY B 478 -8.81 -36.69 -1.48
C GLY B 478 -7.66 -35.73 -1.67
N PHE B 479 -7.08 -35.78 -2.88
CA PHE B 479 -5.91 -34.96 -3.15
C PHE B 479 -6.29 -33.51 -3.40
N LEU B 480 -5.68 -32.61 -2.63
CA LEU B 480 -5.86 -31.17 -2.75
C LEU B 480 -4.49 -30.54 -2.93
N ILE B 481 -4.16 -30.11 -4.14
CA ILE B 481 -2.84 -29.56 -4.44
C ILE B 481 -3.00 -28.17 -5.03
N GLY B 482 -2.37 -27.18 -4.41
CA GLY B 482 -2.37 -25.83 -4.90
C GLY B 482 -0.95 -25.31 -5.05
N HIS B 483 -0.81 -23.99 -5.24
CA HIS B 483 0.49 -23.34 -5.36
C HIS B 483 1.29 -23.88 -6.54
N ILE B 484 0.59 -24.36 -7.58
CA ILE B 484 1.26 -24.98 -8.72
C ILE B 484 2.02 -23.90 -9.49
N VAL B 485 3.32 -24.13 -9.67
CA VAL B 485 4.22 -23.14 -10.26
C VAL B 485 4.87 -23.75 -11.50
N PRO B 486 4.95 -23.02 -12.63
CA PRO B 486 4.40 -21.68 -12.85
C PRO B 486 2.88 -21.67 -12.97
N GLU B 487 2.25 -20.54 -12.63
CA GLU B 487 0.81 -20.42 -12.74
C GLU B 487 0.39 -20.34 -14.21
N ALA B 488 -0.91 -20.48 -14.45
CA ALA B 488 -1.43 -20.48 -15.81
C ALA B 488 -1.21 -19.13 -16.50
N MET B 489 -1.27 -18.03 -15.75
CA MET B 489 -1.04 -16.72 -16.33
C MET B 489 0.39 -16.56 -16.84
N GLU B 490 1.33 -17.31 -16.28
CA GLU B 490 2.72 -17.27 -16.72
C GLU B 490 3.03 -18.31 -17.79
N GLY B 491 2.03 -19.07 -18.24
CA GLY B 491 2.24 -20.05 -19.29
C GLY B 491 2.82 -21.36 -18.83
N GLY B 492 2.70 -21.69 -17.54
CA GLY B 492 3.15 -22.96 -17.03
C GLY B 492 2.37 -24.11 -17.64
N PRO B 493 2.87 -25.33 -17.45
CA PRO B 493 2.16 -26.51 -17.99
C PRO B 493 0.70 -26.61 -17.58
N ILE B 494 0.33 -26.04 -16.43
CA ILE B 494 -1.07 -26.10 -15.98
C ILE B 494 -1.97 -25.36 -16.97
N ALA B 495 -1.44 -24.36 -17.66
CA ALA B 495 -2.21 -23.67 -18.69
C ALA B 495 -2.31 -24.46 -19.99
N LEU B 496 -1.41 -25.43 -20.20
CA LEU B 496 -1.35 -26.18 -21.44
C LEU B 496 -2.12 -27.49 -21.39
N ALA B 497 -2.54 -27.93 -20.21
CA ALA B 497 -3.37 -29.12 -20.11
C ALA B 497 -4.69 -28.91 -20.85
N ARG B 498 -5.24 -30.00 -21.37
CA ARG B 498 -6.49 -29.98 -22.09
C ARG B 498 -7.39 -31.10 -21.56
N ASP B 499 -8.69 -30.92 -21.74
CA ASP B 499 -9.64 -31.99 -21.42
C ASP B 499 -9.27 -33.26 -22.16
N GLY B 500 -9.23 -34.37 -21.42
CA GLY B 500 -8.85 -35.66 -21.96
C GLY B 500 -7.41 -36.06 -21.71
N ASP B 501 -6.56 -35.14 -21.27
CA ASP B 501 -5.19 -35.51 -20.91
C ASP B 501 -5.18 -36.35 -19.65
N ARG B 502 -4.22 -37.28 -19.58
CA ARG B 502 -4.01 -38.10 -18.40
C ARG B 502 -3.06 -37.39 -17.44
N ILE B 503 -3.43 -37.38 -16.16
CA ILE B 503 -2.62 -36.76 -15.12
C ILE B 503 -2.45 -37.73 -13.97
N VAL B 504 -1.23 -37.84 -13.45
CA VAL B 504 -0.92 -38.69 -12.30
C VAL B 504 -0.49 -37.80 -11.14
N ILE B 505 -1.02 -38.08 -9.96
CA ILE B 505 -0.59 -37.44 -8.72
C ILE B 505 -0.04 -38.53 -7.82
N ASP B 506 1.27 -38.49 -7.58
CA ASP B 506 1.94 -39.50 -6.77
C ASP B 506 2.59 -38.82 -5.57
N ALA B 507 2.13 -39.17 -4.37
CA ALA B 507 2.62 -38.55 -3.15
C ALA B 507 3.99 -39.09 -2.73
N GLU B 508 4.33 -40.31 -3.13
CA GLU B 508 5.65 -40.83 -2.79
C GLU B 508 6.71 -40.32 -3.76
N GLU B 509 6.39 -40.28 -5.06
CA GLU B 509 7.28 -39.62 -6.01
C GLU B 509 7.30 -38.11 -5.80
N ARG B 510 6.23 -37.56 -5.22
CA ARG B 510 6.06 -36.11 -5.07
C ARG B 510 6.12 -35.43 -6.45
N VAL B 511 5.28 -35.91 -7.36
CA VAL B 511 5.15 -35.34 -8.69
C VAL B 511 3.68 -35.20 -9.07
N VAL B 512 3.37 -34.16 -9.84
CA VAL B 512 2.12 -34.03 -10.56
C VAL B 512 2.47 -34.02 -12.04
N ASP B 513 2.20 -35.12 -12.73
CA ASP B 513 2.68 -35.33 -14.09
C ASP B 513 1.54 -35.19 -15.10
N LEU B 514 1.78 -34.40 -16.14
CA LEU B 514 0.90 -34.32 -17.30
C LEU B 514 1.42 -35.29 -18.34
N GLU B 515 0.67 -36.39 -18.56
CA GLU B 515 1.16 -37.51 -19.36
C GLU B 515 1.06 -37.21 -20.86
N ILE B 516 1.86 -36.25 -21.29
CA ILE B 516 2.03 -35.97 -22.71
C ILE B 516 3.52 -35.82 -22.99
N PRO B 517 3.95 -36.06 -24.23
CA PRO B 517 5.37 -35.91 -24.56
C PRO B 517 5.84 -34.48 -24.33
N THR B 518 7.11 -34.36 -23.93
CA THR B 518 7.67 -33.04 -23.64
C THR B 518 7.62 -32.13 -24.87
N GLU B 519 7.91 -32.67 -26.05
CA GLU B 519 7.82 -31.87 -27.27
C GLU B 519 6.39 -31.38 -27.51
N GLU B 520 5.39 -32.22 -27.23
CA GLU B 520 4.01 -31.80 -27.40
C GLU B 520 3.65 -30.69 -26.40
N LEU B 521 4.12 -30.82 -25.17
CA LEU B 521 3.91 -29.76 -24.18
C LEU B 521 4.50 -28.44 -24.66
N GLU B 522 5.67 -28.51 -25.32
CA GLU B 522 6.28 -27.29 -25.86
C GLU B 522 5.54 -26.78 -27.09
N LYS B 523 4.98 -27.68 -27.90
CA LYS B 523 4.17 -27.24 -29.03
C LYS B 523 2.93 -26.50 -28.57
N ARG B 524 2.28 -27.01 -27.51
CA ARG B 524 1.14 -26.32 -26.94
C ARG B 524 1.54 -24.97 -26.36
N ARG B 525 2.76 -24.88 -25.82
CA ARG B 525 3.22 -23.62 -25.24
C ARG B 525 3.39 -22.54 -26.30
N LYS B 526 3.74 -22.92 -27.53
CA LYS B 526 3.89 -21.95 -28.60
C LYS B 526 2.55 -21.48 -29.14
N GLU B 527 1.47 -22.19 -28.85
CA GLU B 527 0.13 -21.77 -29.24
C GLU B 527 -0.62 -21.05 -28.13
N TRP B 528 -0.13 -21.16 -26.89
CA TRP B 528 -0.77 -20.48 -25.76
C TRP B 528 -0.47 -18.98 -25.78
N LYS B 529 -1.47 -18.20 -25.40
CA LYS B 529 -1.37 -16.77 -25.24
C LYS B 529 -2.10 -16.33 -23.98
N ALA B 530 -1.47 -15.41 -23.25
CA ALA B 530 -1.95 -15.05 -21.92
C ALA B 530 -3.25 -14.24 -22.04
N PRO B 531 -4.30 -14.61 -21.32
CA PRO B 531 -5.50 -13.76 -21.25
C PRO B 531 -5.17 -12.44 -20.58
N PRO B 532 -6.01 -11.42 -20.74
CA PRO B 532 -5.71 -10.13 -20.11
C PRO B 532 -5.78 -10.23 -18.60
N LEU B 533 -5.05 -9.33 -17.94
CA LEU B 533 -5.15 -9.23 -16.49
C LEU B 533 -6.57 -8.86 -16.09
N ARG B 534 -7.06 -9.48 -15.02
CA ARG B 534 -8.45 -9.24 -14.62
C ARG B 534 -8.66 -7.81 -14.17
N TYR B 535 -7.65 -7.19 -13.56
CA TYR B 535 -7.73 -5.81 -13.11
C TYR B 535 -6.66 -5.01 -13.86
N GLN B 536 -7.09 -4.03 -14.65
CA GLN B 536 -6.19 -3.21 -15.45
C GLN B 536 -5.68 -1.98 -14.71
N LYS B 537 -6.33 -1.60 -13.61
CA LYS B 537 -5.93 -0.46 -12.79
C LYS B 537 -6.04 -0.85 -11.33
N GLY B 538 -5.37 -0.08 -10.49
CA GLY B 538 -5.54 -0.21 -9.04
C GLY B 538 -4.47 -1.06 -8.40
N THR B 539 -4.72 -1.37 -7.11
CA THR B 539 -3.74 -2.09 -6.31
C THR B 539 -3.49 -3.50 -6.84
N LEU B 540 -4.51 -4.15 -7.39
CA LEU B 540 -4.31 -5.50 -7.91
C LEU B 540 -3.52 -5.49 -9.21
N LYS B 541 -3.65 -4.43 -10.00
CA LYS B 541 -2.82 -4.29 -11.20
C LYS B 541 -1.35 -4.14 -10.81
N LYS B 542 -1.07 -3.33 -9.78
CA LYS B 542 0.31 -3.16 -9.32
C LYS B 542 0.84 -4.45 -8.71
N TYR B 543 0.01 -5.15 -7.95
CA TYR B 543 0.43 -6.41 -7.34
C TYR B 543 0.80 -7.43 -8.41
N CYS B 544 -0.03 -7.54 -9.46
CA CYS B 544 0.28 -8.45 -10.56
C CYS B 544 1.63 -8.15 -11.19
N THR B 545 1.98 -6.87 -11.31
CA THR B 545 3.23 -6.50 -11.97
C THR B 545 4.46 -6.93 -11.17
N LEU B 546 4.35 -7.01 -9.84
CA LEU B 546 5.50 -7.19 -8.98
C LEU B 546 5.60 -8.56 -8.32
N VAL B 547 4.51 -9.31 -8.23
CA VAL B 547 4.46 -10.48 -7.35
C VAL B 547 5.30 -11.62 -7.92
N SER B 548 6.01 -12.31 -7.04
CA SER B 548 6.75 -13.52 -7.40
C SER B 548 5.81 -14.72 -7.45
N ASP B 549 6.34 -15.87 -7.87
CA ASP B 549 5.54 -17.08 -7.88
C ASP B 549 5.35 -17.60 -6.46
N ALA B 550 4.45 -18.58 -6.32
CA ALA B 550 4.12 -19.10 -4.99
C ALA B 550 5.30 -19.80 -4.34
N SER B 551 6.20 -20.39 -5.15
CA SER B 551 7.36 -21.07 -4.60
C SER B 551 8.36 -20.12 -3.94
N HIS B 552 8.21 -18.82 -4.16
CA HIS B 552 9.06 -17.81 -3.52
C HIS B 552 8.29 -16.98 -2.50
N GLY B 553 7.16 -17.51 -2.00
CA GLY B 553 6.38 -16.79 -1.01
C GLY B 553 5.59 -15.63 -1.57
N CYS B 554 5.44 -15.52 -2.89
CA CYS B 554 4.85 -14.35 -3.54
C CYS B 554 5.40 -13.05 -2.95
N VAL B 555 6.72 -12.96 -2.88
CA VAL B 555 7.38 -11.71 -2.49
C VAL B 555 7.24 -10.70 -3.63
N THR B 556 7.08 -9.42 -3.27
CA THR B 556 6.79 -8.40 -4.26
C THR B 556 7.92 -7.39 -4.47
N ASP B 557 8.99 -7.46 -3.70
CA ASP B 557 10.10 -6.52 -3.85
C ASP B 557 11.38 -7.22 -4.30
N GLY B 558 11.23 -8.36 -4.99
CA GLY B 558 12.37 -9.07 -5.51
C GLY B 558 12.98 -10.01 -4.49
N PRO B 559 12.76 -11.31 -4.67
CA PRO B 559 13.35 -12.29 -3.75
C PRO B 559 14.87 -12.16 -3.69
N ILE B 560 15.41 -12.27 -2.48
CA ILE B 560 16.84 -12.12 -2.26
C ILE B 560 17.61 -13.26 -2.91
C1 PEG C . -1.47 22.15 -2.54
O1 PEG C . -2.56 21.99 -1.66
C2 PEG C . -0.20 21.66 -1.86
O2 PEG C . -0.21 20.26 -1.78
C3 PEG C . 1.06 19.69 -1.61
C4 PEG C . 0.94 18.17 -1.60
O4 PEG C . 2.17 17.60 -1.98
C1 EDO D . -31.91 12.20 -8.95
O1 EDO D . -31.76 11.18 -9.93
C2 EDO D . -31.01 13.39 -9.30
O2 EDO D . -30.60 14.06 -8.10
C1 EDO E . 8.21 -18.24 24.70
O1 EDO E . 7.20 -19.26 24.67
C2 EDO E . 9.50 -18.77 24.09
O2 EDO E . 10.52 -17.77 24.19
C1 EDO F . 4.17 -18.42 34.35
O1 EDO F . 2.86 -18.30 33.79
C2 EDO F . 4.69 -17.04 34.74
O2 EDO F . 6.11 -17.02 34.64
#